data_4LNB
#
_entry.id   4LNB
#
_cell.length_a   63.321
_cell.length_b   91.253
_cell.length_c   83.052
_cell.angle_alpha   90.00
_cell.angle_beta   110.93
_cell.angle_gamma   90.00
#
_symmetry.space_group_name_H-M   'P 1 21 1'
#
loop_
_entity.id
_entity.type
_entity.pdbx_description
1 polymer 'CaaX farnesyltransferase alpha subunit Ram2'
2 polymer 'CaaX farnesyltransferase beta subunit Ram1'
3 non-polymer 1,2-ETHANEDIOL
4 non-polymer 'FARNESYL DIPHOSPHATE'
5 non-polymer 'ZINC ION'
6 non-polymer 'tert-butyl 4-({(2-{(4-cyanophenyl)[(1-methyl-1H-imidazol-5-yl)methyl]amino}ethyl)[(2-methylphenyl)sulfonyl]amino}methyl)piperidine-1-carboxylate'
7 water water
#
loop_
_entity_poly.entity_id
_entity_poly.type
_entity_poly.pdbx_seq_one_letter_code
_entity_poly.pdbx_strand_id
1 'polypeptide(L)'
;MGSSHHHHHHSQDPMEGKYSSDPEWASIKPIELNDGSDFGAMPLATISYSPEYLEATSYLRAVMAANEMSERALRLTGDI
ISMNPAHYTVWIYRAKILFALGKDLNEEIEWLNKVALKHLKNYQIWHHRQVLMSSRAHFPTLPPREQDFLMEMFAQDAKS
YHVWTYRHWLVRHFKLWDHPREIQDVEALLKADVRNNSAWNHRYMLRFGPRDENEFDAGLHNTTGPSSEKGRLPVVDEDL
VDSELQYSQSRILEAPENRSPWSYARGVLQAAGRPLSEWKDFARSFVVEKQENGQVVDVAVKSSHAIEWLADVYAEEDGS
EGSAAEAVKMLTLLKEKYDPIRRNYWEYRIRQITASAAHATEISASA
;
A
2 'polypeptide(L)'
;MPVIAATGKHRRKVLFSSTSQGLSVTAGKPKGRKFSANLQVNSRSPAVTSSHNHSSSSQSGKMGESQVHPGIPALFREPP
LIHDLLSTETTELQSETVNKCLPLLKGIHNSQKGPFNKYGIPALQRKDHLEYLYDSLEDYPASFVALDASRPWMVYWALA
GLCLLGEDVTRFRERVISTFTAAQNSTGGIGGGHGQMSHVASSYAAVLSIAMVGGEEAFKLIDRKAMWKWLGKLKQPDGG
FTVCEGGEEDVRGAYCAMVVHALLDLPLALPPEAEARQNGLETFTDGLPEYLSRCQTYEGGISGSPGSEAHGAYAFCALA
CLCLLGRPEVVVPRYMNIATLLPWLSARQYAPEGGFSGRTNKLVDGCYSHWVGNCWPLVQAALDGTQPLAGPKRSSVGNL
YSREGLTRYILSCCQCKLGGLRDKPGKHPDSYHTCYALTGLSTVQYYHYCTDSSVSSKDDFSSAFSWKHDPNFASDGQGS
DIGVFTENDRLVPFHPIFVIPHKSAEDIRVWFENQSFDL
;
B
#
loop_
_chem_comp.id
_chem_comp.type
_chem_comp.name
_chem_comp.formula
ED5 non-polymer 'tert-butyl 4-({(2-{(4-cyanophenyl)[(1-methyl-1H-imidazol-5-yl)methyl]amino}ethyl)[(2-methylphenyl)sulfonyl]amino}methyl)piperidine-1-carboxylate' 'C32 H42 N6 O4 S'
EDO non-polymer 1,2-ETHANEDIOL 'C2 H6 O2'
FPP non-polymer 'FARNESYL DIPHOSPHATE' 'C15 H28 O7 P2'
ZN non-polymer 'ZINC ION' 'Zn 2'
#
# COMPACT_ATOMS: atom_id res chain seq x y z
N GLY A 17 -30.01 -2.40 -30.08
CA GLY A 17 -29.61 -1.80 -28.82
C GLY A 17 -30.78 -1.12 -28.13
N LYS A 18 -30.77 -1.14 -26.79
CA LYS A 18 -31.87 -0.56 -26.04
C LYS A 18 -31.86 0.97 -26.04
N TYR A 19 -30.68 1.58 -26.01
CA TYR A 19 -30.59 3.03 -26.03
C TYR A 19 -30.85 3.60 -27.42
N SER A 20 -30.31 2.94 -28.45
CA SER A 20 -30.44 3.42 -29.82
C SER A 20 -31.88 3.41 -30.33
N SER A 21 -32.72 2.57 -29.74
CA SER A 21 -34.12 2.47 -30.18
C SER A 21 -35.09 3.19 -29.23
N ASP A 22 -34.54 3.76 -28.15
CA ASP A 22 -35.34 4.46 -27.16
C ASP A 22 -35.50 5.93 -27.55
N PRO A 23 -36.74 6.39 -27.74
CA PRO A 23 -37.00 7.80 -28.07
C PRO A 23 -36.54 8.75 -26.98
N GLU A 24 -36.40 8.26 -25.75
CA GLU A 24 -35.84 9.05 -24.65
C GLU A 24 -34.42 9.52 -24.98
N TRP A 25 -33.74 8.79 -25.84
CA TRP A 25 -32.34 9.06 -26.14
C TRP A 25 -32.10 9.54 -27.57
N ALA A 26 -33.19 9.84 -28.28
CA ALA A 26 -33.09 10.24 -29.67
C ALA A 26 -32.35 11.56 -29.88
N SER A 27 -32.44 12.45 -28.89
CA SER A 27 -31.90 13.80 -29.02
C SER A 27 -30.38 13.86 -28.90
N ILE A 28 -29.74 12.73 -28.64
CA ILE A 28 -28.28 12.71 -28.52
C ILE A 28 -27.68 11.54 -29.30
N LYS A 29 -26.56 11.79 -29.97
CA LYS A 29 -25.89 10.75 -30.74
C LYS A 29 -24.67 10.22 -29.99
N PRO A 30 -24.54 8.89 -29.91
CA PRO A 30 -23.47 8.26 -29.13
C PRO A 30 -22.10 8.47 -29.76
N ILE A 31 -21.06 8.40 -28.94
CA ILE A 31 -19.68 8.50 -29.43
C ILE A 31 -19.05 7.11 -29.43
N GLU A 32 -18.79 6.59 -30.63
CA GLU A 32 -18.27 5.25 -30.82
C GLU A 32 -16.90 5.08 -30.16
N LEU A 33 -16.61 3.86 -29.70
CA LEU A 33 -15.35 3.56 -29.04
C LEU A 33 -14.16 3.71 -29.99
N ASN A 34 -13.20 4.53 -29.56
CA ASN A 34 -11.92 4.63 -30.25
C ASN A 34 -10.88 3.83 -29.49
N ASP A 35 -10.78 2.54 -29.76
CA ASP A 35 -9.86 1.58 -29.09
C ASP A 35 -8.40 1.87 -29.53
N GLY A 36 -8.22 2.11 -30.81
CA GLY A 36 -6.88 2.28 -31.35
C GLY A 36 -6.61 1.23 -32.42
N SER A 37 -7.66 0.48 -32.76
CA SER A 37 -7.57 -0.56 -33.77
C SER A 37 -7.68 0.01 -35.18
N ASP A 38 -7.51 1.32 -35.30
CA ASP A 38 -7.61 2.01 -36.58
C ASP A 38 -6.40 2.91 -36.82
N PHE A 39 -5.93 3.56 -35.75
CA PHE A 39 -4.83 4.52 -35.85
C PHE A 39 -3.52 3.89 -36.32
N GLY A 40 -3.32 2.62 -36.03
CA GLY A 40 -2.11 1.93 -36.46
C GLY A 40 -1.98 0.53 -35.90
N ALA A 41 -0.97 0.34 -35.05
CA ALA A 41 -0.73 -0.96 -34.43
C ALA A 41 -1.86 -1.34 -33.48
N MET A 42 -1.98 -2.64 -33.19
CA MET A 42 -3.04 -3.13 -32.32
C MET A 42 -2.76 -2.81 -30.85
N PRO A 43 -3.76 -2.26 -30.16
CA PRO A 43 -3.63 -1.94 -28.72
C PRO A 43 -3.46 -3.19 -27.87
N LEU A 44 -3.05 -3.00 -26.62
CA LEU A 44 -2.73 -4.10 -25.73
C LEU A 44 -3.83 -4.31 -24.70
N ALA A 45 -3.93 -5.56 -24.22
CA ALA A 45 -4.87 -5.92 -23.16
C ALA A 45 -6.29 -5.45 -23.44
N THR A 46 -6.78 -5.74 -24.64
CA THR A 46 -8.11 -5.33 -25.02
C THR A 46 -9.17 -6.23 -24.37
N ILE A 47 -10.38 -5.71 -24.26
CA ILE A 47 -11.49 -6.47 -23.74
C ILE A 47 -12.60 -6.48 -24.79
N SER A 48 -13.07 -7.67 -25.15
CA SER A 48 -14.17 -7.79 -26.09
C SER A 48 -15.49 -7.54 -25.38
N TYR A 49 -15.80 -6.26 -25.18
CA TYR A 49 -16.98 -5.84 -24.43
C TYR A 49 -18.27 -6.42 -25.01
N SER A 50 -19.24 -6.67 -24.15
CA SER A 50 -20.57 -7.08 -24.59
C SER A 50 -21.23 -5.93 -25.35
N PRO A 51 -22.16 -6.24 -26.27
CA PRO A 51 -22.87 -5.21 -27.03
C PRO A 51 -23.54 -4.18 -26.11
N GLU A 52 -24.13 -4.64 -25.01
CA GLU A 52 -24.84 -3.76 -24.09
C GLU A 52 -23.92 -2.74 -23.44
N TYR A 53 -22.73 -3.19 -23.06
CA TYR A 53 -21.75 -2.31 -22.40
C TYR A 53 -21.16 -1.32 -23.40
N LEU A 54 -20.91 -1.79 -24.63
CA LEU A 54 -20.42 -0.91 -25.68
C LEU A 54 -21.40 0.23 -25.94
N GLU A 55 -22.67 -0.11 -26.08
CA GLU A 55 -23.70 0.89 -26.36
C GLU A 55 -23.84 1.90 -25.22
N ALA A 56 -23.99 1.38 -24.00
CA ALA A 56 -24.17 2.23 -22.83
C ALA A 56 -23.01 3.23 -22.67
N THR A 57 -21.79 2.74 -22.77
CA THR A 57 -20.62 3.59 -22.61
C THR A 57 -20.47 4.60 -23.75
N SER A 58 -20.97 4.25 -24.93
CA SER A 58 -20.91 5.17 -26.06
CA SER A 58 -20.92 5.17 -26.07
C SER A 58 -21.86 6.35 -25.83
N TYR A 59 -22.98 6.08 -25.16
CA TYR A 59 -23.92 7.13 -24.79
C TYR A 59 -23.41 7.93 -23.59
N LEU A 60 -22.65 7.28 -22.71
CA LEU A 60 -22.06 7.98 -21.59
C LEU A 60 -21.02 8.99 -22.06
N ARG A 61 -20.21 8.59 -23.05
CA ARG A 61 -19.24 9.51 -23.63
C ARG A 61 -19.93 10.75 -24.18
N ALA A 62 -21.07 10.55 -24.81
CA ALA A 62 -21.83 11.65 -25.42
C ALA A 62 -22.40 12.62 -24.39
N VAL A 63 -22.99 12.09 -23.32
CA VAL A 63 -23.60 12.96 -22.31
C VAL A 63 -22.55 13.70 -21.49
N MET A 64 -21.42 13.07 -21.23
CA MET A 64 -20.34 13.72 -20.49
C MET A 64 -19.68 14.81 -21.32
N ALA A 65 -19.55 14.57 -22.62
CA ALA A 65 -18.98 15.56 -23.53
C ALA A 65 -19.86 16.81 -23.61
N ALA A 66 -21.16 16.62 -23.45
CA ALA A 66 -22.10 17.73 -23.50
C ALA A 66 -22.38 18.29 -22.10
N ASN A 67 -21.73 17.69 -21.09
CA ASN A 67 -21.92 18.10 -19.70
C ASN A 67 -23.39 18.04 -19.29
N GLU A 68 -24.09 17.03 -19.79
CA GLU A 68 -25.52 16.90 -19.56
C GLU A 68 -25.85 16.47 -18.14
N MET A 69 -26.68 17.26 -17.47
CA MET A 69 -27.18 16.94 -16.14
C MET A 69 -28.67 16.68 -16.25
N SER A 70 -29.05 15.41 -16.32
CA SER A 70 -30.44 15.06 -16.59
C SER A 70 -30.84 13.74 -15.91
N GLU A 71 -32.15 13.49 -15.87
CA GLU A 71 -32.67 12.25 -15.31
C GLU A 71 -32.25 11.05 -16.15
N ARG A 72 -32.26 11.19 -17.47
CA ARG A 72 -31.86 10.08 -18.34
C ARG A 72 -30.39 9.73 -18.14
N ALA A 73 -29.55 10.75 -17.97
CA ALA A 73 -28.13 10.53 -17.73
C ALA A 73 -27.92 9.82 -16.39
N LEU A 74 -28.73 10.18 -15.40
CA LEU A 74 -28.65 9.55 -14.09
C LEU A 74 -28.99 8.06 -14.19
N ARG A 75 -30.05 7.74 -14.91
CA ARG A 75 -30.44 6.35 -15.14
C ARG A 75 -29.33 5.59 -15.89
N LEU A 76 -28.70 6.27 -16.84
CA LEU A 76 -27.58 5.68 -17.58
C LEU A 76 -26.43 5.30 -16.67
N THR A 77 -26.07 6.19 -15.73
CA THR A 77 -24.99 5.87 -14.80
C THR A 77 -25.34 4.64 -13.97
N GLY A 78 -26.62 4.51 -13.60
CA GLY A 78 -27.08 3.37 -12.83
C GLY A 78 -26.96 2.08 -13.62
N ASP A 79 -27.25 2.15 -14.92
CA ASP A 79 -27.18 0.99 -15.79
C ASP A 79 -25.73 0.53 -15.96
N ILE A 80 -24.83 1.48 -16.20
CA ILE A 80 -23.42 1.14 -16.35
C ILE A 80 -22.85 0.57 -15.06
N ILE A 81 -23.26 1.14 -13.93
CA ILE A 81 -22.82 0.65 -12.63
C ILE A 81 -23.26 -0.80 -12.41
N SER A 82 -24.44 -1.16 -12.90
CA SER A 82 -24.95 -2.52 -12.76
C SER A 82 -24.15 -3.51 -13.62
N MET A 83 -23.47 -2.98 -14.66
CA MET A 83 -22.63 -3.82 -15.49
C MET A 83 -21.18 -3.83 -15.02
N ASN A 84 -20.72 -2.68 -14.52
CA ASN A 84 -19.34 -2.53 -14.08
C ASN A 84 -19.20 -1.48 -12.99
N PRO A 85 -19.31 -1.90 -11.73
CA PRO A 85 -19.19 -0.97 -10.58
C PRO A 85 -17.77 -0.47 -10.34
N ALA A 86 -16.80 -0.99 -11.10
CA ALA A 86 -15.42 -0.54 -10.96
C ALA A 86 -15.07 0.54 -11.98
N HIS A 87 -16.10 1.16 -12.55
CA HIS A 87 -15.92 2.26 -13.49
C HIS A 87 -15.85 3.58 -12.73
N TYR A 88 -14.64 4.04 -12.39
CA TYR A 88 -14.50 5.21 -11.52
C TYR A 88 -15.13 6.48 -12.11
N THR A 89 -15.01 6.65 -13.42
CA THR A 89 -15.55 7.83 -14.08
C THR A 89 -17.06 7.97 -13.89
N VAL A 90 -17.77 6.87 -13.98
CA VAL A 90 -19.24 6.93 -13.94
C VAL A 90 -19.75 7.33 -12.55
N TRP A 91 -19.04 6.91 -11.50
CA TRP A 91 -19.41 7.26 -10.13
C TRP A 91 -19.28 8.77 -9.90
N ILE A 92 -18.19 9.33 -10.39
CA ILE A 92 -17.93 10.76 -10.23
C ILE A 92 -18.93 11.59 -11.02
N TYR A 93 -19.24 11.15 -12.24
CA TYR A 93 -20.23 11.84 -13.06
C TYR A 93 -21.62 11.73 -12.44
N ARG A 94 -21.93 10.57 -11.87
CA ARG A 94 -23.21 10.37 -11.19
C ARG A 94 -23.38 11.35 -10.03
N ALA A 95 -22.31 11.55 -9.26
CA ALA A 95 -22.36 12.48 -8.14
C ALA A 95 -22.65 13.90 -8.63
N LYS A 96 -22.00 14.30 -9.72
CA LYS A 96 -22.25 15.61 -10.33
C LYS A 96 -23.72 15.81 -10.65
N ILE A 97 -24.34 14.80 -11.25
CA ILE A 97 -25.75 14.88 -11.63
C ILE A 97 -26.66 15.01 -10.42
N LEU A 98 -26.43 14.16 -9.43
CA LEU A 98 -27.23 14.16 -8.21
C LEU A 98 -27.31 15.53 -7.56
N PHE A 99 -26.16 16.20 -7.47
CA PHE A 99 -26.12 17.53 -6.89
C PHE A 99 -26.73 18.59 -7.81
N ALA A 100 -26.46 18.48 -9.10
CA ALA A 100 -26.94 19.45 -10.08
C ALA A 100 -28.46 19.44 -10.22
N LEU A 101 -29.08 18.28 -10.03
CA LEU A 101 -30.53 18.17 -10.15
C LEU A 101 -31.25 18.28 -8.82
N GLY A 102 -30.48 18.40 -7.74
CA GLY A 102 -31.05 18.49 -6.41
C GLY A 102 -31.83 17.24 -6.02
N LYS A 103 -31.32 16.09 -6.42
CA LYS A 103 -31.99 14.82 -6.13
C LYS A 103 -32.01 14.52 -4.63
N ASP A 104 -33.00 13.75 -4.21
CA ASP A 104 -33.11 13.29 -2.83
C ASP A 104 -31.95 12.34 -2.53
N LEU A 105 -31.01 12.78 -1.69
CA LEU A 105 -29.82 11.97 -1.41
C LEU A 105 -30.11 10.86 -0.42
N ASN A 106 -31.21 10.98 0.33
CA ASN A 106 -31.65 9.89 1.20
C ASN A 106 -31.96 8.66 0.36
N GLU A 107 -32.61 8.89 -0.79
CA GLU A 107 -32.97 7.80 -1.69
C GLU A 107 -31.72 7.22 -2.37
N GLU A 108 -30.77 8.09 -2.70
CA GLU A 108 -29.52 7.62 -3.29
C GLU A 108 -28.75 6.74 -2.32
N ILE A 109 -28.75 7.12 -1.04
CA ILE A 109 -28.06 6.32 -0.02
C ILE A 109 -28.71 4.95 0.14
N GLU A 110 -30.04 4.91 0.10
CA GLU A 110 -30.76 3.64 0.18
C GLU A 110 -30.43 2.75 -1.02
N TRP A 111 -30.29 3.35 -2.19
CA TRP A 111 -29.87 2.61 -3.38
C TRP A 111 -28.41 2.17 -3.25
N LEU A 112 -27.56 3.06 -2.73
CA LEU A 112 -26.14 2.77 -2.60
C LEU A 112 -25.88 1.62 -1.62
N ASN A 113 -26.71 1.53 -0.58
CA ASN A 113 -26.60 0.43 0.39
C ASN A 113 -26.71 -0.92 -0.29
N LYS A 114 -27.66 -1.04 -1.21
CA LYS A 114 -27.91 -2.27 -1.94
C LYS A 114 -26.73 -2.63 -2.83
N VAL A 115 -26.13 -1.62 -3.46
CA VAL A 115 -24.96 -1.84 -4.30
C VAL A 115 -23.77 -2.30 -3.46
N ALA A 116 -23.58 -1.67 -2.30
CA ALA A 116 -22.49 -2.01 -1.40
C ALA A 116 -22.59 -3.44 -0.88
N LEU A 117 -23.82 -3.88 -0.61
CA LEU A 117 -24.05 -5.24 -0.11
C LEU A 117 -23.79 -6.29 -1.17
N LYS A 118 -23.94 -5.92 -2.43
CA LYS A 118 -23.68 -6.84 -3.53
C LYS A 118 -22.19 -6.92 -3.87
N HIS A 119 -21.46 -5.83 -3.59
CA HIS A 119 -20.05 -5.75 -3.93
C HIS A 119 -19.20 -5.36 -2.73
N LEU A 120 -18.98 -6.31 -1.82
CA LEU A 120 -18.28 -6.05 -0.57
C LEU A 120 -16.89 -5.43 -0.73
N LYS A 121 -16.17 -5.82 -1.77
CA LYS A 121 -14.78 -5.42 -1.92
C LYS A 121 -14.58 -4.16 -2.76
N ASN A 122 -15.68 -3.57 -3.22
CA ASN A 122 -15.63 -2.37 -4.04
C ASN A 122 -15.44 -1.10 -3.20
N TYR A 123 -14.35 -0.37 -3.46
CA TYR A 123 -14.05 0.83 -2.66
C TYR A 123 -14.60 2.13 -3.27
N GLN A 124 -14.86 2.12 -4.57
CA GLN A 124 -15.40 3.31 -5.26
CA GLN A 124 -15.39 3.31 -5.24
C GLN A 124 -16.74 3.72 -4.66
N ILE A 125 -17.55 2.73 -4.32
CA ILE A 125 -18.86 2.92 -3.68
C ILE A 125 -18.72 3.74 -2.40
N TRP A 126 -17.62 3.54 -1.68
CA TRP A 126 -17.45 4.17 -0.38
C TRP A 126 -16.90 5.60 -0.43
N HIS A 127 -16.12 5.91 -1.47
CA HIS A 127 -15.82 7.32 -1.71
C HIS A 127 -17.08 8.08 -2.12
N HIS A 128 -17.90 7.44 -2.96
CA HIS A 128 -19.16 8.02 -3.40
C HIS A 128 -20.04 8.34 -2.20
N ARG A 129 -20.06 7.40 -1.25
CA ARG A 129 -20.85 7.59 -0.03
C ARG A 129 -20.37 8.81 0.75
N GLN A 130 -19.05 8.96 0.86
CA GLN A 130 -18.45 10.11 1.54
C GLN A 130 -18.84 11.43 0.86
N VAL A 131 -18.77 11.45 -0.47
CA VAL A 131 -19.14 12.62 -1.25
C VAL A 131 -20.58 13.07 -0.94
N LEU A 132 -21.51 12.11 -0.93
CA LEU A 132 -22.91 12.41 -0.63
C LEU A 132 -23.11 12.86 0.81
N MET A 133 -22.57 12.09 1.75
CA MET A 133 -22.79 12.32 3.17
C MET A 133 -22.16 13.63 3.64
N SER A 134 -21.21 14.15 2.87
CA SER A 134 -20.49 15.39 3.22
CA SER A 134 -20.51 15.38 3.24
C SER A 134 -21.39 16.62 3.05
N SER A 135 -22.50 16.45 2.36
CA SER A 135 -23.41 17.56 2.12
C SER A 135 -24.24 17.92 3.34
N ARG A 136 -23.88 19.01 4.01
CA ARG A 136 -24.57 19.46 5.22
C ARG A 136 -26.04 19.78 4.95
N ALA A 137 -26.34 20.25 3.75
CA ALA A 137 -27.71 20.60 3.39
C ALA A 137 -28.63 19.39 3.42
N HIS A 138 -28.10 18.24 3.02
CA HIS A 138 -28.90 17.01 2.95
C HIS A 138 -28.76 16.17 4.21
N PHE A 139 -27.59 16.24 4.84
CA PHE A 139 -27.32 15.45 6.04
C PHE A 139 -26.72 16.31 7.14
N PRO A 140 -27.55 17.15 7.78
CA PRO A 140 -27.02 18.05 8.82
C PRO A 140 -26.53 17.30 10.05
N THR A 141 -27.11 16.15 10.34
CA THR A 141 -26.69 15.31 11.45
C THR A 141 -26.53 13.85 11.01
N LEU A 142 -25.93 13.04 11.86
CA LEU A 142 -25.75 11.62 11.60
C LEU A 142 -27.10 10.94 11.38
N PRO A 143 -27.29 10.31 10.21
CA PRO A 143 -28.54 9.58 9.94
C PRO A 143 -28.75 8.45 10.96
N PRO A 144 -30.00 8.23 11.38
CA PRO A 144 -30.32 7.34 12.51
C PRO A 144 -29.93 5.88 12.32
N ARG A 145 -29.72 5.42 11.09
CA ARG A 145 -29.36 4.02 10.86
C ARG A 145 -28.04 3.87 10.11
N GLU A 146 -27.25 4.94 10.06
CA GLU A 146 -25.97 4.90 9.36
C GLU A 146 -24.98 3.95 10.04
N GLN A 147 -24.87 4.04 11.36
CA GLN A 147 -23.95 3.16 12.09
C GLN A 147 -24.38 1.69 11.99
N ASP A 148 -25.69 1.44 12.01
CA ASP A 148 -26.20 0.08 11.85
C ASP A 148 -25.80 -0.51 10.50
N PHE A 149 -25.84 0.29 9.45
CA PHE A 149 -25.45 -0.22 8.14
C PHE A 149 -23.96 -0.57 8.09
N LEU A 150 -23.14 0.25 8.72
CA LEU A 150 -21.71 -0.05 8.79
C LEU A 150 -21.48 -1.39 9.47
N MET A 151 -22.28 -1.67 10.51
CA MET A 151 -22.15 -2.94 11.21
C MET A 151 -22.65 -4.11 10.36
N GLU A 152 -23.62 -3.85 9.48
CA GLU A 152 -24.04 -4.86 8.52
C GLU A 152 -22.88 -5.22 7.59
N MET A 153 -22.09 -4.23 7.20
CA MET A 153 -20.90 -4.47 6.38
C MET A 153 -19.83 -5.23 7.15
N PHE A 154 -19.57 -4.80 8.39
CA PHE A 154 -18.52 -5.41 9.20
C PHE A 154 -18.87 -6.85 9.61
N ALA A 155 -20.16 -7.15 9.67
CA ALA A 155 -20.60 -8.51 9.99
C ALA A 155 -20.19 -9.48 8.88
N GLN A 156 -19.97 -8.95 7.67
CA GLN A 156 -19.56 -9.74 6.52
C GLN A 156 -18.05 -9.73 6.28
N ASP A 157 -17.42 -8.59 6.52
CA ASP A 157 -15.96 -8.47 6.45
C ASP A 157 -15.49 -7.47 7.49
N ALA A 158 -15.07 -7.97 8.64
CA ALA A 158 -14.80 -7.12 9.80
C ALA A 158 -13.56 -6.22 9.66
N LYS A 159 -12.74 -6.46 8.63
CA LYS A 159 -11.51 -5.70 8.45
C LYS A 159 -11.48 -4.87 7.17
N SER A 160 -12.65 -4.66 6.56
CA SER A 160 -12.76 -3.94 5.29
C SER A 160 -12.12 -2.57 5.38
N TYR A 161 -11.03 -2.36 4.64
CA TYR A 161 -10.26 -1.14 4.78
C TYR A 161 -11.06 0.09 4.38
N HIS A 162 -11.82 -0.02 3.30
CA HIS A 162 -12.59 1.13 2.80
C HIS A 162 -13.75 1.50 3.71
N VAL A 163 -14.38 0.51 4.35
CA VAL A 163 -15.46 0.80 5.27
C VAL A 163 -14.93 1.46 6.55
N TRP A 164 -13.81 0.95 7.06
CA TRP A 164 -13.18 1.57 8.22
C TRP A 164 -12.74 3.01 7.92
N THR A 165 -12.17 3.23 6.74
CA THR A 165 -11.76 4.57 6.34
C THR A 165 -12.96 5.50 6.28
N TYR A 166 -14.08 5.01 5.75
CA TYR A 166 -15.30 5.80 5.72
C TYR A 166 -15.76 6.11 7.15
N ARG A 167 -15.67 5.13 8.04
CA ARG A 167 -16.12 5.34 9.41
C ARG A 167 -15.26 6.37 10.13
N HIS A 168 -13.96 6.39 9.83
CA HIS A 168 -13.09 7.41 10.39
CA HIS A 168 -13.07 7.41 10.38
C HIS A 168 -13.55 8.79 9.96
N TRP A 169 -13.82 8.94 8.66
CA TRP A 169 -14.29 10.20 8.12
C TRP A 169 -15.60 10.62 8.78
N LEU A 170 -16.49 9.65 8.95
CA LEU A 170 -17.80 9.89 9.54
C LEU A 170 -17.68 10.43 10.96
N VAL A 171 -16.78 9.86 11.73
CA VAL A 171 -16.57 10.30 13.11
C VAL A 171 -16.09 11.74 13.14
N ARG A 172 -15.15 12.07 12.27
CA ARG A 172 -14.61 13.43 12.23
C ARG A 172 -15.66 14.44 11.74
N HIS A 173 -16.41 14.04 10.73
CA HIS A 173 -17.38 14.93 10.11
C HIS A 173 -18.52 15.31 11.05
N PHE A 174 -19.07 14.31 11.74
CA PHE A 174 -20.20 14.54 12.64
C PHE A 174 -19.76 14.65 14.10
N LYS A 175 -18.44 14.69 14.32
CA LYS A 175 -17.88 14.86 15.66
C LYS A 175 -18.33 13.79 16.65
N LEU A 176 -18.05 12.54 16.32
CA LEU A 176 -18.58 11.39 17.06
C LEU A 176 -17.57 10.70 17.98
N TRP A 177 -16.46 11.36 18.30
CA TRP A 177 -15.43 10.72 19.11
C TRP A 177 -15.96 10.17 20.44
N ASP A 178 -16.92 10.87 21.04
CA ASP A 178 -17.49 10.45 22.33
C ASP A 178 -18.88 9.83 22.19
N HIS A 179 -19.30 9.59 20.96
CA HIS A 179 -20.57 8.94 20.69
C HIS A 179 -20.49 7.48 21.14
N PRO A 180 -21.43 7.05 22.01
CA PRO A 180 -21.36 5.71 22.61
C PRO A 180 -21.39 4.55 21.63
N ARG A 181 -22.05 4.71 20.48
CA ARG A 181 -22.08 3.62 19.50
C ARG A 181 -20.73 3.38 18.84
N GLU A 182 -19.89 4.40 18.78
CA GLU A 182 -18.57 4.22 18.19
C GLU A 182 -17.74 3.27 19.05
N ILE A 183 -17.69 3.53 20.35
CA ILE A 183 -16.94 2.66 21.26
C ILE A 183 -17.64 1.31 21.45
N GLN A 184 -18.97 1.30 21.44
CA GLN A 184 -19.74 0.07 21.59
C GLN A 184 -19.52 -0.88 20.41
N ASP A 185 -19.52 -0.32 19.20
CA ASP A 185 -19.32 -1.13 18.00
C ASP A 185 -17.90 -1.68 17.92
N VAL A 186 -16.92 -0.88 18.34
CA VAL A 186 -15.54 -1.35 18.44
C VAL A 186 -15.45 -2.52 19.40
N GLU A 187 -16.07 -2.35 20.58
CA GLU A 187 -15.99 -3.38 21.60
C GLU A 187 -16.74 -4.66 21.21
N ALA A 188 -17.83 -4.50 20.46
CA ALA A 188 -18.54 -5.66 19.93
C ALA A 188 -17.66 -6.43 18.94
N LEU A 189 -16.97 -5.69 18.09
CA LEU A 189 -16.08 -6.33 17.11
C LEU A 189 -14.88 -6.98 17.80
N LEU A 190 -14.40 -6.38 18.88
CA LEU A 190 -13.27 -6.95 19.61
C LEU A 190 -13.70 -8.13 20.48
N LYS A 191 -14.97 -8.17 20.85
CA LYS A 191 -15.48 -9.33 21.58
C LYS A 191 -15.54 -10.51 20.62
N ALA A 192 -15.97 -10.25 19.40
CA ALA A 192 -16.05 -11.28 18.36
C ALA A 192 -14.66 -11.76 17.91
N ASP A 193 -13.73 -10.83 17.75
CA ASP A 193 -12.36 -11.16 17.37
C ASP A 193 -11.40 -10.13 17.96
N VAL A 194 -10.78 -10.47 19.08
CA VAL A 194 -9.89 -9.55 19.79
C VAL A 194 -8.65 -9.22 18.93
N ARG A 195 -8.44 -9.99 17.87
CA ARG A 195 -7.30 -9.77 16.97
C ARG A 195 -7.63 -8.85 15.79
N ASN A 196 -8.80 -8.22 15.84
CA ASN A 196 -9.19 -7.30 14.77
C ASN A 196 -8.45 -5.98 14.90
N ASN A 197 -7.32 -5.86 14.21
CA ASN A 197 -6.49 -4.66 14.31
C ASN A 197 -7.19 -3.40 13.80
N SER A 198 -8.11 -3.56 12.86
CA SER A 198 -8.87 -2.41 12.36
C SER A 198 -9.71 -1.77 13.47
N ALA A 199 -10.26 -2.60 14.34
CA ALA A 199 -11.05 -2.11 15.47
C ALA A 199 -10.17 -1.40 16.49
N TRP A 200 -8.99 -1.95 16.76
CA TRP A 200 -8.04 -1.31 17.67
C TRP A 200 -7.61 0.06 17.15
N ASN A 201 -7.37 0.15 15.85
CA ASN A 201 -6.96 1.40 15.24
C ASN A 201 -8.04 2.47 15.37
N HIS A 202 -9.29 2.06 15.17
CA HIS A 202 -10.41 2.99 15.29
C HIS A 202 -10.55 3.44 16.74
N ARG A 203 -10.28 2.52 17.67
CA ARG A 203 -10.35 2.84 19.09
C ARG A 203 -9.33 3.91 19.44
N TYR A 204 -8.13 3.81 18.86
CA TYR A 204 -7.12 4.85 19.09
C TYR A 204 -7.62 6.21 18.62
N MET A 205 -8.22 6.25 17.45
CA MET A 205 -8.74 7.51 16.93
C MET A 205 -9.79 8.10 17.86
N LEU A 206 -10.69 7.25 18.34
CA LEU A 206 -11.76 7.71 19.22
C LEU A 206 -11.23 8.30 20.52
N ARG A 207 -10.22 7.65 21.09
CA ARG A 207 -9.72 8.02 22.41
C ARG A 207 -8.58 9.04 22.37
N PHE A 208 -7.70 8.94 21.39
CA PHE A 208 -6.48 9.75 21.37
C PHE A 208 -6.20 10.50 20.07
N GLY A 209 -7.07 10.34 19.08
CA GLY A 209 -6.89 11.04 17.82
C GLY A 209 -7.15 12.54 17.96
N PRO A 210 -6.39 13.36 17.21
CA PRO A 210 -6.55 14.82 17.22
C PRO A 210 -7.96 15.24 16.79
N ARG A 211 -8.55 16.20 17.49
CA ARG A 211 -9.92 16.61 17.20
C ARG A 211 -10.05 18.07 16.77
N ASP A 212 -8.94 18.82 16.82
CA ASP A 212 -8.98 20.26 16.56
C ASP A 212 -9.51 20.58 15.16
N GLU A 213 -10.63 21.26 15.11
CA GLU A 213 -11.32 21.57 13.86
C GLU A 213 -10.53 22.53 12.97
N ASN A 214 -9.65 23.32 13.58
CA ASN A 214 -8.85 24.29 12.85
C ASN A 214 -7.49 23.75 12.41
N GLU A 215 -7.34 22.44 12.45
CA GLU A 215 -6.11 21.79 12.02
C GLU A 215 -6.41 20.75 10.96
N PHE A 216 -5.45 20.49 10.09
CA PHE A 216 -5.57 19.40 9.12
C PHE A 216 -5.63 18.10 9.89
N ASP A 217 -6.37 17.12 9.37
CA ASP A 217 -6.51 15.83 10.04
C ASP A 217 -5.16 15.11 10.13
N ALA A 218 -4.99 14.34 11.19
CA ALA A 218 -3.75 13.61 11.41
C ALA A 218 -4.04 12.35 12.23
N GLY A 219 -3.23 11.32 12.05
CA GLY A 219 -3.38 10.11 12.83
C GLY A 219 -2.86 10.30 14.25
N LEU A 220 -1.94 11.25 14.41
CA LEU A 220 -1.28 11.47 15.69
C LEU A 220 -1.20 12.95 16.02
N HIS A 221 -1.22 13.26 17.31
CA HIS A 221 -0.95 14.60 17.78
C HIS A 221 0.51 14.97 17.55
N ASN A 222 0.81 16.26 17.64
CA ASN A 222 2.17 16.76 17.68
C ASN A 222 3.01 16.46 16.43
N THR A 223 2.39 16.53 15.26
CA THR A 223 3.13 16.31 14.01
C THR A 223 3.95 17.53 13.62
N THR A 224 3.80 18.62 14.36
CA THR A 224 4.59 19.83 14.12
C THR A 224 5.88 19.81 14.93
N GLY A 225 5.98 18.88 15.87
CA GLY A 225 7.16 18.76 16.70
C GLY A 225 8.17 17.79 16.12
N PRO A 226 9.23 17.48 16.89
CA PRO A 226 10.22 16.48 16.47
C PRO A 226 9.54 15.14 16.25
N SER A 227 9.99 14.38 15.26
CA SER A 227 9.32 13.12 14.91
C SER A 227 9.34 12.10 16.06
N SER A 228 10.36 12.19 16.92
CA SER A 228 10.47 11.27 18.04
C SER A 228 9.36 11.50 19.07
N GLU A 229 8.73 12.66 19.01
CA GLU A 229 7.66 12.98 19.96
C GLU A 229 6.28 13.00 19.30
N LYS A 230 6.19 12.45 18.09
CA LYS A 230 4.92 12.38 17.39
C LYS A 230 3.94 11.52 18.20
N GLY A 231 2.73 12.02 18.40
CA GLY A 231 1.73 11.32 19.18
C GLY A 231 1.48 11.94 20.55
N ARG A 232 2.44 12.70 21.06
CA ARG A 232 2.32 13.31 22.38
C ARG A 232 1.13 14.28 22.49
N LEU A 233 0.26 14.03 23.45
CA LEU A 233 -0.90 14.88 23.71
C LEU A 233 -0.48 16.19 24.37
N PRO A 234 -1.11 17.30 23.97
CA PRO A 234 -0.88 18.61 24.61
C PRO A 234 -1.36 18.58 26.07
N VAL A 235 -2.55 18.04 26.28
CA VAL A 235 -3.12 17.90 27.62
C VAL A 235 -3.56 16.45 27.82
N VAL A 236 -3.11 15.85 28.92
CA VAL A 236 -3.40 14.44 29.18
C VAL A 236 -4.51 14.24 30.21
N ASP A 237 -5.49 13.41 29.86
CA ASP A 237 -6.51 12.97 30.82
C ASP A 237 -6.04 11.67 31.46
N GLU A 238 -5.49 11.79 32.68
CA GLU A 238 -4.84 10.66 33.33
C GLU A 238 -5.77 9.50 33.65
N ASP A 239 -7.00 9.80 34.03
CA ASP A 239 -7.99 8.76 34.35
C ASP A 239 -8.37 7.97 33.09
N LEU A 240 -8.41 8.66 31.96
CA LEU A 240 -8.71 8.02 30.68
C LEU A 240 -7.57 7.10 30.26
N VAL A 241 -6.34 7.56 30.46
CA VAL A 241 -5.17 6.76 30.11
C VAL A 241 -5.13 5.48 30.93
N ASP A 242 -5.38 5.59 32.24
CA ASP A 242 -5.40 4.44 33.13
C ASP A 242 -6.44 3.42 32.70
N SER A 243 -7.62 3.92 32.33
CA SER A 243 -8.73 3.08 31.92
C SER A 243 -8.41 2.32 30.62
N GLU A 244 -7.75 3.01 29.69
CA GLU A 244 -7.42 2.40 28.41
C GLU A 244 -6.31 1.36 28.54
N LEU A 245 -5.37 1.60 29.45
CA LEU A 245 -4.30 0.63 29.70
C LEU A 245 -4.86 -0.61 30.40
N GLN A 246 -5.83 -0.40 31.28
CA GLN A 246 -6.47 -1.50 31.98
C GLN A 246 -7.28 -2.35 30.99
N TYR A 247 -7.94 -1.68 30.05
CA TYR A 247 -8.68 -2.38 29.01
C TYR A 247 -7.73 -3.23 28.16
N SER A 248 -6.59 -2.65 27.82
CA SER A 248 -5.59 -3.35 27.02
C SER A 248 -5.06 -4.59 27.71
N GLN A 249 -4.78 -4.48 29.01
CA GLN A 249 -4.31 -5.62 29.79
C GLN A 249 -5.33 -6.75 29.81
N SER A 250 -6.60 -6.38 29.98
CA SER A 250 -7.67 -7.37 30.05
C SER A 250 -7.81 -8.15 28.75
N ARG A 251 -7.68 -7.45 27.63
CA ARG A 251 -7.77 -8.11 26.33
C ARG A 251 -6.54 -8.98 26.08
N ILE A 252 -5.38 -8.50 26.49
CA ILE A 252 -4.13 -9.27 26.35
C ILE A 252 -4.23 -10.61 27.06
N LEU A 253 -4.81 -10.61 28.26
CA LEU A 253 -4.92 -11.82 29.05
C LEU A 253 -5.78 -12.89 28.37
N GLU A 254 -6.67 -12.45 27.48
CA GLU A 254 -7.50 -13.38 26.71
C GLU A 254 -6.71 -14.10 25.61
N ALA A 255 -5.66 -13.45 25.11
CA ALA A 255 -4.82 -14.01 24.05
C ALA A 255 -3.50 -13.25 23.96
N PRO A 256 -2.50 -13.66 24.76
CA PRO A 256 -1.25 -12.92 24.96
C PRO A 256 -0.39 -12.72 23.71
N GLU A 257 -0.51 -13.61 22.72
CA GLU A 257 0.32 -13.51 21.51
C GLU A 257 -0.27 -12.54 20.48
N ASN A 258 -1.44 -12.00 20.78
CA ASN A 258 -2.11 -11.02 19.91
C ASN A 258 -1.38 -9.68 19.93
N ARG A 259 -0.81 -9.29 18.79
CA ARG A 259 0.01 -8.07 18.73
C ARG A 259 -0.78 -6.78 18.94
N SER A 260 -2.04 -6.76 18.50
CA SER A 260 -2.82 -5.52 18.46
C SER A 260 -2.92 -4.74 19.78
N PRO A 261 -3.31 -5.40 20.89
CA PRO A 261 -3.41 -4.63 22.14
C PRO A 261 -2.05 -4.17 22.70
N TRP A 262 -0.97 -4.92 22.44
CA TRP A 262 0.35 -4.49 22.86
C TRP A 262 0.76 -3.22 22.10
N SER A 263 0.48 -3.19 20.81
CA SER A 263 0.78 -2.01 20.00
C SER A 263 -0.08 -0.83 20.44
N TYR A 264 -1.34 -1.10 20.75
CA TYR A 264 -2.26 -0.08 21.24
C TYR A 264 -1.72 0.54 22.53
N ALA A 265 -1.26 -0.32 23.45
CA ALA A 265 -0.72 0.13 24.72
C ALA A 265 0.52 1.01 24.55
N ARG A 266 1.40 0.62 23.64
CA ARG A 266 2.56 1.44 23.31
C ARG A 266 2.12 2.83 22.82
N GLY A 267 1.07 2.85 21.99
CA GLY A 267 0.54 4.10 21.48
C GLY A 267 -0.02 4.98 22.58
N VAL A 268 -0.75 4.38 23.50
CA VAL A 268 -1.34 5.10 24.62
C VAL A 268 -0.26 5.71 25.53
N LEU A 269 0.77 4.93 25.83
CA LEU A 269 1.86 5.42 26.67
C LEU A 269 2.60 6.57 26.00
N GLN A 270 2.85 6.43 24.70
CA GLN A 270 3.48 7.49 23.92
C GLN A 270 2.65 8.76 23.96
N ALA A 271 1.34 8.62 23.74
CA ALA A 271 0.42 9.75 23.78
C ALA A 271 0.42 10.44 25.14
N ALA A 272 0.48 9.64 26.20
CA ALA A 272 0.40 10.16 27.56
C ALA A 272 1.75 10.64 28.10
N GLY A 273 2.83 10.37 27.38
CA GLY A 273 4.15 10.74 27.83
C GLY A 273 4.62 9.88 28.99
N ARG A 274 4.14 8.65 29.03
CA ARG A 274 4.51 7.70 30.09
C ARG A 274 5.51 6.68 29.58
N PRO A 275 6.39 6.18 30.46
CA PRO A 275 7.41 5.21 30.04
C PRO A 275 6.86 3.79 29.95
N LEU A 276 7.49 2.98 29.10
CA LEU A 276 7.12 1.57 28.96
C LEU A 276 7.28 0.78 30.26
N SER A 277 8.09 1.31 31.18
CA SER A 277 8.36 0.62 32.44
C SER A 277 7.13 0.54 33.34
N GLU A 278 6.07 1.26 33.00
CA GLU A 278 4.81 1.17 33.74
C GLU A 278 4.19 -0.22 33.62
N TRP A 279 4.59 -0.95 32.58
CA TRP A 279 4.11 -2.31 32.36
C TRP A 279 5.21 -3.35 32.57
N LYS A 280 6.26 -2.99 33.29
CA LYS A 280 7.38 -3.90 33.51
C LYS A 280 6.94 -5.20 34.18
N ASP A 281 6.20 -5.07 35.28
CA ASP A 281 5.73 -6.23 36.03
C ASP A 281 4.72 -7.04 35.24
N PHE A 282 3.86 -6.35 34.50
CA PHE A 282 2.86 -7.02 33.67
C PHE A 282 3.55 -7.86 32.60
N ALA A 283 4.54 -7.28 31.92
CA ALA A 283 5.28 -7.99 30.89
C ALA A 283 6.00 -9.21 31.46
N ARG A 284 6.60 -9.03 32.63
CA ARG A 284 7.30 -10.12 33.32
C ARG A 284 6.41 -11.33 33.61
N SER A 285 5.11 -11.08 33.80
CA SER A 285 4.19 -12.16 34.18
C SER A 285 4.00 -13.20 33.06
N PHE A 286 4.40 -12.86 31.85
CA PHE A 286 4.27 -13.78 30.72
C PHE A 286 5.57 -14.52 30.46
N VAL A 287 6.58 -14.28 31.29
CA VAL A 287 7.88 -14.93 31.14
C VAL A 287 8.41 -15.46 32.47
N VAL A 288 7.68 -16.39 33.06
CA VAL A 288 8.06 -16.98 34.34
C VAL A 288 9.07 -18.12 34.17
N GLU A 289 9.84 -18.38 35.22
CA GLU A 289 10.87 -19.40 35.18
C GLU A 289 11.04 -20.06 36.55
N ASP A 298 15.53 -22.50 32.05
CA ASP A 298 14.34 -22.65 31.21
C ASP A 298 13.32 -21.56 31.49
N VAL A 299 12.72 -21.03 30.43
CA VAL A 299 11.73 -19.97 30.56
C VAL A 299 10.44 -20.31 29.80
N ALA A 300 9.32 -20.22 30.49
CA ALA A 300 8.01 -20.48 29.88
C ALA A 300 7.39 -19.19 29.35
N VAL A 301 7.48 -18.98 28.04
CA VAL A 301 7.04 -17.73 27.43
C VAL A 301 5.64 -17.83 26.83
N LYS A 302 4.74 -16.97 27.30
CA LYS A 302 3.37 -16.96 26.80
C LYS A 302 3.12 -15.86 25.78
N SER A 303 4.13 -15.01 25.58
CA SER A 303 3.99 -13.89 24.64
C SER A 303 5.35 -13.32 24.21
N SER A 304 5.59 -13.30 22.90
CA SER A 304 6.80 -12.70 22.37
C SER A 304 6.75 -11.19 22.48
N HIS A 305 5.54 -10.63 22.53
CA HIS A 305 5.38 -9.19 22.68
C HIS A 305 5.82 -8.73 24.05
N ALA A 306 5.63 -9.60 25.05
CA ALA A 306 6.11 -9.32 26.40
C ALA A 306 7.64 -9.27 26.43
N ILE A 307 8.28 -10.16 25.66
CA ILE A 307 9.74 -10.18 25.57
C ILE A 307 10.27 -8.89 24.94
N GLU A 308 9.66 -8.50 23.82
CA GLU A 308 10.06 -7.28 23.13
C GLU A 308 9.84 -6.05 24.01
N TRP A 309 8.76 -6.08 24.79
CA TRP A 309 8.46 -4.99 25.72
C TRP A 309 9.58 -4.85 26.75
N LEU A 310 9.95 -5.97 27.37
CA LEU A 310 11.02 -5.96 28.36
C LEU A 310 12.35 -5.53 27.76
N ALA A 311 12.61 -5.94 26.52
CA ALA A 311 13.81 -5.53 25.81
C ALA A 311 13.92 -4.01 25.76
N ASP A 312 12.83 -3.35 25.37
CA ASP A 312 12.79 -1.89 25.29
C ASP A 312 12.87 -1.22 26.67
N VAL A 313 12.25 -1.84 27.67
CA VAL A 313 12.30 -1.31 29.03
C VAL A 313 13.73 -1.27 29.56
N TYR A 314 14.45 -2.38 29.42
CA TYR A 314 15.82 -2.45 29.92
C TYR A 314 16.80 -1.63 29.09
N ALA A 315 16.50 -1.47 27.80
CA ALA A 315 17.40 -0.77 26.89
C ALA A 315 17.31 0.75 27.00
N GLU A 316 16.09 1.26 27.17
CA GLU A 316 15.87 2.71 27.12
C GLU A 316 15.68 3.33 28.50
N GLU A 317 14.61 2.94 29.18
CA GLU A 317 14.19 3.60 30.40
C GLU A 317 14.84 3.02 31.66
N ASP A 318 16.01 2.42 31.50
CA ASP A 318 16.77 1.92 32.63
C ASP A 318 18.25 2.26 32.43
N GLY A 319 18.78 3.10 33.31
CA GLY A 319 20.16 3.56 33.21
C GLY A 319 21.06 2.96 34.26
N SER A 320 20.73 1.76 34.73
CA SER A 320 21.57 1.06 35.69
C SER A 320 22.41 0.00 34.98
N GLU A 321 23.55 -0.36 35.59
CA GLU A 321 24.40 -1.38 35.02
C GLU A 321 23.71 -2.75 35.08
N GLY A 322 23.92 -3.55 34.05
CA GLY A 322 23.29 -4.85 33.95
C GLY A 322 22.04 -4.81 33.12
N SER A 323 21.48 -3.61 32.96
CA SER A 323 20.26 -3.43 32.20
C SER A 323 20.44 -3.71 30.71
N ALA A 324 21.56 -3.25 30.17
CA ALA A 324 21.88 -3.46 28.76
C ALA A 324 22.03 -4.95 28.44
N ALA A 325 22.68 -5.67 29.35
CA ALA A 325 22.86 -7.11 29.18
C ALA A 325 21.52 -7.84 29.19
N GLU A 326 20.60 -7.38 30.03
CA GLU A 326 19.27 -7.96 30.11
C GLU A 326 18.48 -7.75 28.83
N ALA A 327 18.61 -6.56 28.24
CA ALA A 327 17.93 -6.25 26.99
C ALA A 327 18.45 -7.16 25.88
N VAL A 328 19.76 -7.35 25.85
CA VAL A 328 20.38 -8.21 24.85
C VAL A 328 19.91 -9.66 25.02
N LYS A 329 19.77 -10.10 26.27
CA LYS A 329 19.24 -11.43 26.55
C LYS A 329 17.83 -11.60 25.97
N MET A 330 16.97 -10.61 26.17
CA MET A 330 15.61 -10.67 25.64
C MET A 330 15.60 -10.77 24.12
N LEU A 331 16.44 -9.96 23.48
CA LEU A 331 16.51 -9.93 22.03
C LEU A 331 17.06 -11.23 21.47
N THR A 332 17.91 -11.89 22.26
CA THR A 332 18.49 -13.16 21.85
C THR A 332 17.43 -14.27 21.88
N LEU A 333 16.58 -14.23 22.90
CA LEU A 333 15.42 -15.14 22.96
C LEU A 333 14.54 -14.97 21.74
N LEU A 334 14.32 -13.74 21.34
CA LEU A 334 13.51 -13.44 20.15
C LEU A 334 14.16 -13.99 18.89
N LYS A 335 15.45 -13.72 18.71
CA LYS A 335 16.11 -14.08 17.46
C LYS A 335 16.33 -15.58 17.31
N GLU A 336 16.43 -16.29 18.44
CA GLU A 336 16.73 -17.72 18.40
C GLU A 336 15.50 -18.62 18.54
N LYS A 337 14.45 -18.13 19.19
CA LYS A 337 13.30 -18.98 19.50
C LYS A 337 11.93 -18.39 19.20
N TYR A 338 11.68 -17.17 19.67
CA TYR A 338 10.30 -16.68 19.73
C TYR A 338 9.82 -15.80 18.57
N ASP A 339 10.76 -15.21 17.82
CA ASP A 339 10.42 -14.52 16.57
C ASP A 339 11.63 -14.49 15.64
N PRO A 340 12.11 -15.67 15.22
CA PRO A 340 13.41 -15.77 14.53
C PRO A 340 13.46 -15.18 13.12
N ILE A 341 12.32 -15.01 12.47
CA ILE A 341 12.34 -14.46 11.11
C ILE A 341 12.77 -12.99 11.12
N ARG A 342 12.66 -12.33 12.28
CA ARG A 342 13.04 -10.93 12.40
C ARG A 342 14.42 -10.78 13.03
N ARG A 343 15.22 -11.83 12.90
CA ARG A 343 16.55 -11.90 13.50
C ARG A 343 17.42 -10.68 13.16
N ASN A 344 17.37 -10.24 11.92
CA ASN A 344 18.21 -9.11 11.49
C ASN A 344 17.83 -7.79 12.16
N TYR A 345 16.54 -7.61 12.42
CA TYR A 345 16.09 -6.46 13.19
C TYR A 345 16.49 -6.59 14.67
N TRP A 346 16.32 -7.77 15.25
CA TRP A 346 16.74 -7.98 16.64
C TRP A 346 18.25 -7.73 16.80
N GLU A 347 19.04 -8.18 15.84
CA GLU A 347 20.48 -7.98 15.88
C GLU A 347 20.84 -6.50 15.75
N TYR A 348 20.10 -5.78 14.90
CA TYR A 348 20.27 -4.34 14.76
C TYR A 348 20.06 -3.65 16.11
N ARG A 349 19.00 -4.04 16.81
CA ARG A 349 18.72 -3.51 18.14
C ARG A 349 19.85 -3.82 19.13
N ILE A 350 20.36 -5.05 19.06
CA ILE A 350 21.48 -5.44 19.92
C ILE A 350 22.69 -4.57 19.67
N ARG A 351 23.00 -4.30 18.41
CA ARG A 351 24.12 -3.44 18.06
C ARG A 351 23.91 -2.01 18.55
N GLN A 352 22.67 -1.53 18.45
CA GLN A 352 22.33 -0.20 18.96
C GLN A 352 22.56 -0.12 20.46
N ILE A 353 22.07 -1.13 21.18
CA ILE A 353 22.20 -1.19 22.63
C ILE A 353 23.66 -1.32 23.06
N THR A 354 24.42 -2.13 22.34
CA THR A 354 25.84 -2.33 22.65
C THR A 354 26.63 -1.05 22.45
N ALA A 355 26.36 -0.34 21.36
CA ALA A 355 27.03 0.93 21.09
C ALA A 355 26.66 1.97 22.14
N SER A 356 25.39 1.97 22.54
CA SER A 356 24.89 2.90 23.54
C SER A 356 25.54 2.67 24.91
N ALA A 357 25.62 1.41 25.31
CA ALA A 357 26.23 1.04 26.58
C ALA A 357 27.73 1.34 26.56
N ALA A 358 28.35 1.18 25.40
CA ALA A 358 29.77 1.47 25.25
C ALA A 358 30.03 2.97 25.37
N HIS A 359 29.16 3.77 24.78
CA HIS A 359 29.28 5.22 24.87
C HIS A 359 29.11 5.68 26.32
N ALA A 360 28.17 5.06 27.02
CA ALA A 360 27.95 5.36 28.44
C ALA A 360 29.15 4.93 29.28
N THR A 361 29.79 3.84 28.88
CA THR A 361 30.96 3.33 29.59
C THR A 361 32.16 4.26 29.41
N GLU A 362 32.26 4.85 28.22
CA GLU A 362 33.34 5.79 27.92
C GLU A 362 33.30 7.00 28.85
N ILE A 363 32.10 7.33 29.33
CA ILE A 363 31.92 8.46 30.24
C ILE A 363 32.33 8.10 31.66
N VAL B 68 12.09 -34.45 2.38
CA VAL B 68 12.77 -33.91 3.55
C VAL B 68 14.09 -33.16 3.27
N HIS B 69 14.13 -32.29 2.28
CA HIS B 69 15.40 -31.61 1.93
C HIS B 69 16.16 -31.04 3.14
N PRO B 70 17.41 -31.48 3.32
CA PRO B 70 18.22 -31.06 4.47
C PRO B 70 18.57 -29.57 4.47
N GLY B 71 18.41 -28.89 3.34
CA GLY B 71 18.76 -27.49 3.23
C GLY B 71 17.67 -26.55 3.72
N ILE B 72 16.58 -27.11 4.24
CA ILE B 72 15.46 -26.30 4.72
C ILE B 72 15.42 -26.26 6.24
N PRO B 73 15.66 -25.08 6.84
CA PRO B 73 15.69 -24.90 8.29
C PRO B 73 14.32 -25.17 8.92
N ALA B 74 14.32 -25.64 10.17
CA ALA B 74 13.09 -25.92 10.91
C ALA B 74 12.14 -24.73 10.95
N LEU B 75 12.70 -23.53 10.93
CA LEU B 75 11.92 -22.28 10.96
C LEU B 75 10.85 -22.25 9.88
N PHE B 76 11.12 -22.91 8.75
CA PHE B 76 10.20 -22.88 7.62
C PHE B 76 9.42 -24.18 7.46
N ARG B 77 9.51 -25.07 8.44
CA ARG B 77 8.86 -26.37 8.36
C ARG B 77 7.86 -26.60 9.48
N GLU B 78 7.74 -25.62 10.39
CA GLU B 78 6.89 -25.77 11.57
C GLU B 78 6.12 -24.49 11.83
N PRO B 79 4.94 -24.61 12.46
CA PRO B 79 4.20 -23.43 12.94
C PRO B 79 4.95 -22.77 14.10
N PRO B 80 4.62 -21.52 14.44
CA PRO B 80 5.30 -20.83 15.54
C PRO B 80 5.21 -21.59 16.86
N LEU B 81 6.18 -21.39 17.75
CA LEU B 81 6.20 -22.08 19.04
C LEU B 81 5.04 -21.68 19.94
N ILE B 82 4.74 -20.39 19.99
CA ILE B 82 3.69 -19.88 20.86
C ILE B 82 2.32 -19.89 20.21
N HIS B 83 1.36 -20.53 20.87
N HIS B 83 1.36 -20.53 20.87
CA HIS B 83 -0.01 -20.58 20.37
CA HIS B 83 -0.01 -20.58 20.37
C HIS B 83 -1.03 -20.28 21.46
C HIS B 83 -1.03 -20.28 21.46
N ASP B 84 -1.89 -19.30 21.20
CA ASP B 84 -2.96 -18.94 22.12
C ASP B 84 -4.04 -20.00 22.09
N LEU B 85 -4.72 -20.21 23.21
CA LEU B 85 -5.83 -21.15 23.28
C LEU B 85 -7.06 -20.61 22.57
N LEU B 86 -7.26 -19.30 22.63
CA LEU B 86 -8.44 -18.66 22.06
C LEU B 86 -8.47 -18.70 20.54
N SER B 87 -9.54 -19.25 19.99
CA SER B 87 -9.73 -19.31 18.54
C SER B 87 -10.69 -18.22 18.06
N THR B 88 -10.26 -17.44 17.06
CA THR B 88 -11.13 -16.46 16.42
C THR B 88 -10.98 -16.58 14.90
N GLU B 89 -11.73 -15.78 14.15
CA GLU B 89 -11.67 -15.82 12.69
CA GLU B 89 -11.67 -15.82 12.69
C GLU B 89 -10.25 -15.57 12.20
N THR B 90 -9.56 -14.64 12.86
CA THR B 90 -8.18 -14.32 12.51
C THR B 90 -7.27 -15.55 12.60
N THR B 91 -7.34 -16.29 13.71
CA THR B 91 -6.46 -17.46 13.86
C THR B 91 -6.86 -18.60 12.94
N GLU B 92 -8.14 -18.72 12.63
CA GLU B 92 -8.62 -19.75 11.72
CA GLU B 92 -8.62 -19.75 11.72
C GLU B 92 -8.06 -19.54 10.32
N LEU B 93 -8.07 -18.29 9.86
CA LEU B 93 -7.51 -17.95 8.55
C LEU B 93 -5.98 -18.09 8.54
N GLN B 94 -5.34 -17.68 9.63
CA GLN B 94 -3.88 -17.77 9.73
C GLN B 94 -3.44 -19.24 9.72
N SER B 95 -4.15 -20.07 10.46
CA SER B 95 -3.82 -21.50 10.54
CA SER B 95 -3.84 -21.50 10.54
C SER B 95 -4.01 -22.20 9.19
N GLU B 96 -5.10 -21.89 8.51
CA GLU B 96 -5.36 -22.46 7.19
CA GLU B 96 -5.36 -22.46 7.19
C GLU B 96 -4.29 -22.05 6.19
N THR B 97 -3.83 -20.81 6.29
CA THR B 97 -2.79 -20.31 5.40
C THR B 97 -1.46 -21.02 5.66
N VAL B 98 -1.12 -21.18 6.93
CA VAL B 98 0.11 -21.89 7.30
C VAL B 98 0.07 -23.34 6.82
N ASN B 99 -1.07 -23.98 6.99
CA ASN B 99 -1.23 -25.38 6.58
C ASN B 99 -1.14 -25.58 5.07
N LYS B 100 -1.61 -24.62 4.30
CA LYS B 100 -1.47 -24.67 2.85
C LYS B 100 -0.03 -24.43 2.42
N CYS B 101 0.68 -23.57 3.15
CA CYS B 101 2.06 -23.23 2.80
C CYS B 101 3.08 -24.30 3.15
N LEU B 102 2.87 -25.00 4.26
CA LEU B 102 3.87 -25.95 4.76
C LEU B 102 4.35 -27.03 3.78
N PRO B 103 3.41 -27.70 3.06
CA PRO B 103 3.91 -28.71 2.11
C PRO B 103 4.71 -28.09 0.96
N LEU B 104 4.38 -26.86 0.59
CA LEU B 104 5.09 -26.15 -0.47
C LEU B 104 6.47 -25.69 0.00
N LEU B 105 6.52 -25.13 1.20
CA LEU B 105 7.78 -24.73 1.82
C LEU B 105 8.74 -25.90 1.95
N LYS B 106 8.19 -27.07 2.26
CA LYS B 106 8.99 -28.28 2.43
C LYS B 106 9.41 -28.87 1.10
N GLY B 107 8.81 -28.38 0.02
CA GLY B 107 9.13 -28.84 -1.32
C GLY B 107 8.60 -30.23 -1.64
N ILE B 108 7.52 -30.62 -0.97
CA ILE B 108 6.97 -31.97 -1.14
C ILE B 108 5.59 -32.01 -1.79
N HIS B 109 5.12 -30.86 -2.27
CA HIS B 109 3.82 -30.82 -2.94
C HIS B 109 3.97 -31.24 -4.40
N ASN B 110 3.00 -32.02 -4.89
CA ASN B 110 3.08 -32.59 -6.24
CA ASN B 110 3.06 -32.58 -6.24
C ASN B 110 2.97 -31.55 -7.35
N SER B 111 2.54 -30.34 -7.01
CA SER B 111 2.38 -29.27 -8.00
C SER B 111 3.69 -28.56 -8.31
N GLN B 112 4.73 -28.86 -7.53
CA GLN B 112 5.99 -28.15 -7.66
C GLN B 112 6.93 -28.79 -8.67
N LYS B 113 7.56 -27.94 -9.48
CA LYS B 113 8.49 -28.40 -10.50
C LYS B 113 9.92 -28.03 -10.10
N GLY B 114 10.87 -28.90 -10.42
CA GLY B 114 12.27 -28.66 -10.10
C GLY B 114 12.97 -27.79 -11.14
N PRO B 115 14.30 -27.71 -11.04
CA PRO B 115 15.13 -28.37 -10.03
C PRO B 115 15.11 -27.63 -8.69
N PHE B 116 15.26 -28.37 -7.61
CA PHE B 116 15.37 -27.78 -6.28
C PHE B 116 16.85 -27.54 -5.97
N ASN B 117 17.17 -26.37 -5.44
CA ASN B 117 18.56 -26.04 -5.16
C ASN B 117 19.04 -26.60 -3.82
N LYS B 118 20.24 -26.23 -3.42
CA LYS B 118 20.85 -26.74 -2.20
C LYS B 118 20.09 -26.29 -0.95
N TYR B 119 19.26 -25.27 -1.10
CA TYR B 119 18.44 -24.79 0.01
C TYR B 119 17.04 -25.39 -0.02
N GLY B 120 16.81 -26.31 -0.97
CA GLY B 120 15.55 -27.01 -1.07
C GLY B 120 14.46 -26.20 -1.74
N ILE B 121 14.87 -25.22 -2.53
CA ILE B 121 13.93 -24.28 -3.16
C ILE B 121 13.84 -24.52 -4.66
N PRO B 122 12.61 -24.61 -5.19
CA PRO B 122 12.44 -24.81 -6.63
C PRO B 122 12.95 -23.62 -7.44
N ALA B 123 13.33 -23.87 -8.68
CA ALA B 123 13.80 -22.81 -9.57
C ALA B 123 12.65 -21.87 -9.95
N LEU B 124 12.99 -20.63 -10.27
CA LEU B 124 12.02 -19.73 -10.87
C LEU B 124 11.69 -20.26 -12.26
N GLN B 125 10.41 -20.51 -12.52
CA GLN B 125 9.99 -21.08 -13.79
C GLN B 125 9.87 -19.99 -14.85
N ARG B 126 11.03 -19.51 -15.30
CA ARG B 126 11.11 -18.34 -16.18
C ARG B 126 10.26 -18.46 -17.45
N LYS B 127 10.38 -19.58 -18.14
CA LYS B 127 9.66 -19.79 -19.40
C LYS B 127 8.14 -19.76 -19.21
N ASP B 128 7.67 -20.41 -18.15
CA ASP B 128 6.24 -20.45 -17.85
C ASP B 128 5.71 -19.05 -17.56
N HIS B 129 6.48 -18.26 -16.82
CA HIS B 129 6.05 -16.91 -16.45
C HIS B 129 6.10 -15.95 -17.64
N LEU B 130 7.09 -16.14 -18.50
CA LEU B 130 7.18 -15.36 -19.74
C LEU B 130 5.92 -15.54 -20.58
N GLU B 131 5.58 -16.80 -20.84
CA GLU B 131 4.41 -17.12 -21.66
C GLU B 131 3.14 -16.58 -21.01
N TYR B 132 3.06 -16.64 -19.69
CA TYR B 132 1.91 -16.12 -18.97
C TYR B 132 1.77 -14.61 -19.17
N LEU B 133 2.88 -13.89 -19.04
CA LEU B 133 2.87 -12.44 -19.17
C LEU B 133 2.60 -11.98 -20.60
N TYR B 134 3.16 -12.68 -21.58
CA TYR B 134 2.88 -12.38 -22.98
C TYR B 134 1.40 -12.58 -23.30
N ASP B 135 0.83 -13.67 -22.78
CA ASP B 135 -0.59 -13.95 -22.99
C ASP B 135 -1.49 -12.90 -22.35
N SER B 136 -1.02 -12.31 -21.25
CA SER B 136 -1.81 -11.34 -20.50
C SER B 136 -1.99 -10.01 -21.25
N LEU B 137 -1.21 -9.81 -22.30
CA LEU B 137 -1.28 -8.59 -23.09
C LEU B 137 -2.23 -8.71 -24.28
N GLU B 138 -2.88 -9.86 -24.40
CA GLU B 138 -3.81 -10.07 -25.50
C GLU B 138 -5.25 -9.83 -25.09
N ASP B 139 -6.20 -10.29 -25.91
CA ASP B 139 -7.61 -9.96 -25.72
C ASP B 139 -8.31 -10.78 -24.63
N TYR B 140 -9.16 -10.12 -23.86
CA TYR B 140 -9.97 -10.77 -22.82
C TYR B 140 -11.44 -10.83 -23.21
N PRO B 141 -12.14 -11.89 -22.76
CA PRO B 141 -13.59 -12.04 -23.00
C PRO B 141 -14.41 -10.96 -22.31
N ALA B 142 -15.70 -10.87 -22.67
CA ALA B 142 -16.59 -9.85 -22.12
C ALA B 142 -16.71 -9.91 -20.60
N SER B 143 -16.48 -11.10 -20.03
CA SER B 143 -16.61 -11.30 -18.60
C SER B 143 -15.56 -10.52 -17.78
N PHE B 144 -14.52 -10.04 -18.45
CA PHE B 144 -13.45 -9.30 -17.77
C PHE B 144 -13.67 -7.79 -17.76
N VAL B 145 -14.93 -7.38 -17.92
CA VAL B 145 -15.26 -5.96 -18.05
C VAL B 145 -14.79 -5.11 -16.86
N ALA B 146 -14.70 -5.72 -15.67
CA ALA B 146 -14.25 -4.98 -14.48
C ALA B 146 -12.83 -4.43 -14.61
N LEU B 147 -12.06 -4.94 -15.56
CA LEU B 147 -10.70 -4.46 -15.79
C LEU B 147 -10.65 -3.24 -16.70
N ASP B 148 -11.80 -2.81 -17.21
CA ASP B 148 -11.89 -1.72 -18.17
C ASP B 148 -11.14 -0.46 -17.72
N ALA B 149 -11.34 -0.07 -16.47
CA ALA B 149 -10.69 1.14 -15.96
C ALA B 149 -9.22 0.91 -15.58
N SER B 150 -8.79 -0.35 -15.65
CA SER B 150 -7.44 -0.69 -15.20
C SER B 150 -6.54 -1.17 -16.34
N ARG B 151 -6.96 -0.95 -17.57
CA ARG B 151 -6.16 -1.38 -18.72
C ARG B 151 -4.72 -0.82 -18.75
N PRO B 152 -4.52 0.45 -18.36
CA PRO B 152 -3.13 0.89 -18.30
C PRO B 152 -2.28 0.10 -17.31
N TRP B 153 -2.87 -0.30 -16.18
CA TRP B 153 -2.16 -1.14 -15.21
C TRP B 153 -1.79 -2.48 -15.81
N MET B 154 -2.71 -3.05 -16.58
CA MET B 154 -2.50 -4.34 -17.23
CA MET B 154 -2.48 -4.35 -17.19
C MET B 154 -1.28 -4.31 -18.12
N VAL B 155 -1.11 -3.20 -18.84
CA VAL B 155 0.04 -3.01 -19.69
C VAL B 155 1.29 -2.90 -18.85
N TYR B 156 1.24 -2.08 -17.81
CA TYR B 156 2.39 -1.89 -16.93
C TYR B 156 2.85 -3.19 -16.25
N TRP B 157 1.91 -3.91 -15.64
CA TRP B 157 2.23 -5.13 -14.90
C TRP B 157 2.94 -6.15 -15.79
N ALA B 158 2.45 -6.30 -17.02
CA ALA B 158 3.04 -7.23 -17.96
C ALA B 158 4.42 -6.80 -18.43
N LEU B 159 4.55 -5.52 -18.80
CA LEU B 159 5.83 -5.01 -19.28
C LEU B 159 6.90 -5.07 -18.19
N ALA B 160 6.50 -4.73 -16.97
CA ALA B 160 7.39 -4.80 -15.82
C ALA B 160 7.90 -6.22 -15.59
N GLY B 161 6.97 -7.18 -15.58
CA GLY B 161 7.33 -8.58 -15.41
C GLY B 161 8.26 -9.10 -16.49
N LEU B 162 7.97 -8.75 -17.74
CA LEU B 162 8.81 -9.17 -18.86
C LEU B 162 10.21 -8.56 -18.75
N CYS B 163 10.27 -7.30 -18.34
CA CYS B 163 11.54 -6.60 -18.14
CA CYS B 163 11.55 -6.62 -18.15
C CYS B 163 12.36 -7.28 -17.04
N LEU B 164 11.71 -7.59 -15.93
CA LEU B 164 12.36 -8.27 -14.81
C LEU B 164 12.97 -9.59 -15.26
N LEU B 165 12.24 -10.32 -16.09
CA LEU B 165 12.68 -11.62 -16.58
C LEU B 165 13.71 -11.52 -17.70
N GLY B 166 14.08 -10.31 -18.08
CA GLY B 166 15.18 -10.10 -19.00
C GLY B 166 14.80 -9.94 -20.46
N GLU B 167 13.53 -9.68 -20.72
CA GLU B 167 13.07 -9.49 -22.09
C GLU B 167 13.35 -8.07 -22.59
N ASP B 168 13.52 -7.95 -23.90
CA ASP B 168 13.59 -6.64 -24.55
C ASP B 168 12.17 -6.24 -24.94
N VAL B 169 11.64 -5.20 -24.30
CA VAL B 169 10.25 -4.81 -24.54
C VAL B 169 10.11 -3.65 -25.53
N THR B 170 11.22 -3.28 -26.17
CA THR B 170 11.19 -2.17 -27.12
C THR B 170 10.32 -2.48 -28.35
N ARG B 171 10.10 -3.76 -28.62
CA ARG B 171 9.25 -4.13 -29.75
C ARG B 171 7.77 -3.82 -29.48
N PHE B 172 7.45 -3.48 -28.23
CA PHE B 172 6.09 -3.10 -27.87
C PHE B 172 5.81 -1.60 -28.02
N ARG B 173 6.81 -0.85 -28.49
CA ARG B 173 6.70 0.61 -28.62
C ARG B 173 5.43 1.09 -29.33
N GLU B 174 5.21 0.60 -30.54
CA GLU B 174 4.08 1.07 -31.34
C GLU B 174 2.73 0.63 -30.76
N ARG B 175 2.70 -0.54 -30.14
CA ARG B 175 1.46 -1.02 -29.53
C ARG B 175 1.13 -0.27 -28.25
N VAL B 176 2.16 0.15 -27.53
CA VAL B 176 1.98 1.00 -26.35
C VAL B 176 1.45 2.37 -26.75
N ILE B 177 2.05 2.96 -27.78
CA ILE B 177 1.61 4.25 -28.31
C ILE B 177 0.15 4.21 -28.72
N SER B 178 -0.23 3.14 -29.42
CA SER B 178 -1.60 2.96 -29.88
C SER B 178 -2.58 2.84 -28.71
N THR B 179 -2.13 2.15 -27.66
CA THR B 179 -2.96 1.95 -26.47
C THR B 179 -3.24 3.26 -25.72
N PHE B 180 -2.19 4.04 -25.50
CA PHE B 180 -2.31 5.22 -24.64
C PHE B 180 -2.72 6.50 -25.37
N THR B 181 -2.64 6.50 -26.69
CA THR B 181 -3.07 7.67 -27.47
C THR B 181 -4.53 7.99 -27.21
N ALA B 182 -5.37 6.96 -27.26
CA ALA B 182 -6.81 7.13 -27.10
C ALA B 182 -7.20 7.37 -25.64
N ALA B 183 -6.31 7.00 -24.72
CA ALA B 183 -6.59 7.12 -23.29
C ALA B 183 -6.20 8.48 -22.71
N GLN B 184 -5.39 9.24 -23.45
CA GLN B 184 -5.00 10.58 -23.01
C GLN B 184 -6.09 11.60 -23.34
N ASN B 185 -6.45 12.40 -22.35
CA ASN B 185 -7.46 13.44 -22.52
C ASN B 185 -6.85 14.77 -22.95
N SER B 186 -7.54 15.50 -23.82
CA SER B 186 -7.04 16.77 -24.34
C SER B 186 -6.80 17.79 -23.24
N THR B 187 -7.57 17.68 -22.16
CA THR B 187 -7.45 18.59 -21.02
C THR B 187 -6.32 18.18 -20.07
N GLY B 188 -5.66 17.06 -20.38
CA GLY B 188 -4.51 16.63 -19.61
C GLY B 188 -4.69 15.32 -18.86
N GLY B 189 -3.61 14.55 -18.78
CA GLY B 189 -3.62 13.31 -18.03
C GLY B 189 -4.09 12.12 -18.85
N ILE B 190 -3.96 10.93 -18.26
CA ILE B 190 -4.37 9.70 -18.90
C ILE B 190 -5.37 9.00 -18.00
N GLY B 191 -6.44 8.48 -18.61
CA GLY B 191 -7.44 7.72 -17.88
C GLY B 191 -7.36 6.25 -18.23
N GLY B 192 -8.33 5.47 -17.78
CA GLY B 192 -8.35 4.04 -18.03
C GLY B 192 -8.55 3.66 -19.49
N GLY B 193 -9.03 4.60 -20.28
CA GLY B 193 -9.31 4.35 -21.69
C GLY B 193 -10.13 5.47 -22.30
N HIS B 194 -10.50 5.32 -23.56
CA HIS B 194 -11.27 6.35 -24.27
C HIS B 194 -12.53 6.74 -23.52
N GLY B 195 -12.61 8.00 -23.12
CA GLY B 195 -13.80 8.54 -22.47
C GLY B 195 -13.77 8.45 -20.96
N GLN B 196 -12.69 7.92 -20.40
CA GLN B 196 -12.55 7.89 -18.96
C GLN B 196 -11.73 9.10 -18.52
N MET B 197 -12.11 9.70 -17.39
CA MET B 197 -11.42 10.89 -16.91
C MET B 197 -10.01 10.53 -16.47
N SER B 198 -9.11 11.51 -16.54
CA SER B 198 -7.73 11.28 -16.16
C SER B 198 -7.64 10.87 -14.69
N HIS B 199 -6.70 9.97 -14.41
CA HIS B 199 -6.54 9.42 -13.06
C HIS B 199 -5.03 9.26 -12.85
N VAL B 200 -4.54 9.59 -11.66
CA VAL B 200 -3.09 9.55 -11.44
C VAL B 200 -2.51 8.14 -11.54
N ALA B 201 -3.31 7.13 -11.20
CA ALA B 201 -2.84 5.75 -11.25
C ALA B 201 -2.64 5.28 -12.69
N SER B 202 -3.61 5.56 -13.55
CA SER B 202 -3.46 5.22 -14.97
C SER B 202 -2.36 6.05 -15.63
N SER B 203 -2.21 7.30 -15.21
CA SER B 203 -1.13 8.15 -15.72
C SER B 203 0.24 7.61 -15.27
N TYR B 204 0.34 7.19 -14.02
CA TYR B 204 1.54 6.56 -13.48
C TYR B 204 1.87 5.30 -14.29
N ALA B 205 0.88 4.43 -14.45
CA ALA B 205 1.06 3.20 -15.21
C ALA B 205 1.47 3.48 -16.65
N ALA B 206 0.84 4.47 -17.26
CA ALA B 206 1.14 4.84 -18.64
C ALA B 206 2.57 5.37 -18.80
N VAL B 207 2.96 6.28 -17.90
CA VAL B 207 4.28 6.89 -17.97
C VAL B 207 5.38 5.85 -17.76
N LEU B 208 5.17 4.93 -16.81
CA LEU B 208 6.15 3.88 -16.55
C LEU B 208 6.26 2.92 -17.73
N SER B 209 5.13 2.64 -18.37
CA SER B 209 5.10 1.77 -19.55
C SER B 209 5.87 2.42 -20.70
N ILE B 210 5.64 3.72 -20.88
CA ILE B 210 6.34 4.50 -21.90
C ILE B 210 7.84 4.52 -21.62
N ALA B 211 8.21 4.65 -20.35
CA ALA B 211 9.61 4.64 -19.95
C ALA B 211 10.28 3.32 -20.31
N MET B 212 9.58 2.22 -20.07
CA MET B 212 10.15 0.89 -20.33
C MET B 212 10.36 0.62 -21.81
N VAL B 213 9.39 0.98 -22.65
CA VAL B 213 9.55 0.75 -24.08
C VAL B 213 10.50 1.78 -24.72
N GLY B 214 10.53 2.98 -24.14
CA GLY B 214 11.44 4.01 -24.59
C GLY B 214 11.14 4.54 -25.98
N GLY B 215 12.06 5.34 -26.51
CA GLY B 215 11.93 5.89 -27.85
C GLY B 215 11.31 7.27 -27.86
N GLU B 216 11.74 8.10 -28.80
CA GLU B 216 11.24 9.47 -28.90
C GLU B 216 9.75 9.54 -29.19
N GLU B 217 9.26 8.66 -30.05
CA GLU B 217 7.85 8.67 -30.44
C GLU B 217 6.93 8.41 -29.25
N ALA B 218 7.31 7.48 -28.38
CA ALA B 218 6.54 7.22 -27.17
C ALA B 218 6.62 8.41 -26.23
N PHE B 219 7.81 8.99 -26.10
CA PHE B 219 8.01 10.15 -25.24
C PHE B 219 7.19 11.36 -25.71
N LYS B 220 7.11 11.54 -27.02
CA LYS B 220 6.37 12.67 -27.60
C LYS B 220 4.86 12.55 -27.44
N LEU B 221 4.39 11.37 -27.07
CA LEU B 221 2.95 11.12 -26.96
C LEU B 221 2.30 11.98 -25.88
N ILE B 222 3.00 12.16 -24.76
CA ILE B 222 2.46 12.89 -23.62
C ILE B 222 2.40 14.40 -23.85
N ASP B 223 1.23 14.99 -23.61
CA ASP B 223 1.12 16.45 -23.57
C ASP B 223 1.56 16.91 -22.18
N ARG B 224 2.80 17.36 -22.06
CA ARG B 224 3.38 17.71 -20.76
C ARG B 224 2.69 18.89 -20.10
N LYS B 225 2.39 19.92 -20.88
CA LYS B 225 1.80 21.12 -20.32
C LYS B 225 0.40 20.85 -19.79
N ALA B 226 -0.37 20.09 -20.55
CA ALA B 226 -1.71 19.71 -20.12
C ALA B 226 -1.67 18.80 -18.88
N MET B 227 -0.67 17.92 -18.83
CA MET B 227 -0.47 17.05 -17.68
C MET B 227 -0.18 17.87 -16.43
N TRP B 228 0.66 18.90 -16.60
CA TRP B 228 1.01 19.82 -15.52
C TRP B 228 -0.21 20.60 -15.02
N LYS B 229 -1.01 21.10 -15.94
CA LYS B 229 -2.23 21.83 -15.56
C LYS B 229 -3.24 20.92 -14.85
N TRP B 230 -3.39 19.70 -15.34
CA TRP B 230 -4.32 18.76 -14.73
C TRP B 230 -3.86 18.35 -13.34
N LEU B 231 -2.58 18.00 -13.21
CA LEU B 231 -2.04 17.63 -11.91
C LEU B 231 -2.19 18.74 -10.89
N GLY B 232 -2.07 19.98 -11.35
CA GLY B 232 -2.25 21.14 -10.50
C GLY B 232 -3.64 21.19 -9.87
N LYS B 233 -4.63 20.67 -10.60
CA LYS B 233 -6.02 20.66 -10.12
C LYS B 233 -6.23 19.65 -8.99
N LEU B 234 -5.32 18.70 -8.86
CA LEU B 234 -5.45 17.64 -7.86
C LEU B 234 -4.81 18.01 -6.52
N LYS B 235 -3.99 19.05 -6.53
CA LYS B 235 -3.32 19.51 -5.31
C LYS B 235 -4.33 20.06 -4.31
N GLN B 236 -4.29 19.53 -3.08
CA GLN B 236 -5.26 19.89 -2.05
C GLN B 236 -4.64 20.83 -1.02
N PRO B 237 -5.48 21.63 -0.33
CA PRO B 237 -4.98 22.59 0.65
C PRO B 237 -4.17 21.93 1.77
N ASP B 238 -4.48 20.68 2.09
CA ASP B 238 -3.76 19.99 3.15
C ASP B 238 -2.42 19.40 2.69
N GLY B 239 -2.07 19.65 1.43
CA GLY B 239 -0.77 19.25 0.91
C GLY B 239 -0.78 17.99 0.06
N GLY B 240 -1.82 17.18 0.20
CA GLY B 240 -1.93 15.93 -0.55
C GLY B 240 -2.52 16.11 -1.93
N PHE B 241 -2.80 14.98 -2.59
CA PHE B 241 -3.39 14.97 -3.93
C PHE B 241 -4.60 14.05 -3.99
N THR B 242 -5.64 14.46 -4.70
CA THR B 242 -6.70 13.53 -5.07
C THR B 242 -6.24 12.72 -6.27
N VAL B 243 -6.84 11.56 -6.49
CA VAL B 243 -6.42 10.68 -7.58
C VAL B 243 -7.02 11.10 -8.93
N CYS B 244 -8.11 11.86 -8.86
CA CYS B 244 -8.73 12.44 -10.03
C CYS B 244 -9.66 13.55 -9.54
N GLU B 245 -10.18 14.36 -10.45
CA GLU B 245 -11.07 15.44 -10.06
C GLU B 245 -12.36 14.88 -9.48
N GLY B 246 -12.58 15.11 -8.19
CA GLY B 246 -13.75 14.59 -7.51
C GLY B 246 -13.51 13.23 -6.88
N GLY B 247 -12.27 12.74 -6.97
CA GLY B 247 -11.92 11.43 -6.45
C GLY B 247 -11.32 11.48 -5.06
N GLU B 248 -10.93 10.31 -4.55
CA GLU B 248 -10.41 10.21 -3.20
C GLU B 248 -9.03 10.83 -3.04
N GLU B 249 -8.75 11.33 -1.85
CA GLU B 249 -7.40 11.80 -1.52
C GLU B 249 -6.70 10.78 -0.64
N ASP B 250 -5.65 10.15 -1.15
CA ASP B 250 -4.85 9.24 -0.34
C ASP B 250 -3.38 9.30 -0.76
N VAL B 251 -2.52 8.62 0.01
CA VAL B 251 -1.07 8.66 -0.21
CA VAL B 251 -1.08 8.73 -0.24
C VAL B 251 -0.69 8.09 -1.57
N ARG B 252 -1.49 7.13 -2.04
CA ARG B 252 -1.29 6.55 -3.36
C ARG B 252 -1.36 7.66 -4.41
N GLY B 253 -2.31 8.58 -4.21
CA GLY B 253 -2.45 9.74 -5.09
C GLY B 253 -1.20 10.61 -5.10
N ALA B 254 -0.66 10.89 -3.91
CA ALA B 254 0.54 11.72 -3.81
C ALA B 254 1.74 11.07 -4.48
N TYR B 255 1.93 9.77 -4.24
CA TYR B 255 3.06 9.05 -4.81
C TYR B 255 2.98 8.98 -6.34
N CYS B 256 1.82 8.62 -6.87
CA CYS B 256 1.63 8.53 -8.32
C CYS B 256 1.83 9.87 -8.99
N ALA B 257 1.26 10.92 -8.40
CA ALA B 257 1.40 12.28 -8.95
C ALA B 257 2.86 12.72 -9.01
N MET B 258 3.59 12.49 -7.92
CA MET B 258 4.98 12.95 -7.86
C MET B 258 5.93 12.16 -8.76
N VAL B 259 5.63 10.87 -8.96
CA VAL B 259 6.42 10.07 -9.89
C VAL B 259 6.24 10.58 -11.32
N VAL B 260 4.99 10.83 -11.69
CA VAL B 260 4.69 11.40 -13.00
C VAL B 260 5.38 12.75 -13.15
N HIS B 261 5.29 13.58 -12.10
CA HIS B 261 5.89 14.91 -12.10
C HIS B 261 7.41 14.83 -12.31
N ALA B 262 8.06 13.91 -11.61
CA ALA B 262 9.51 13.77 -11.67
C ALA B 262 10.00 13.22 -13.01
N LEU B 263 9.39 12.15 -13.48
CA LEU B 263 9.83 11.50 -14.72
C LEU B 263 9.62 12.36 -15.96
N LEU B 264 8.62 13.23 -15.92
CA LEU B 264 8.35 14.13 -17.04
C LEU B 264 9.02 15.50 -16.87
N ASP B 265 9.77 15.67 -15.79
CA ASP B 265 10.39 16.96 -15.44
C ASP B 265 9.42 18.13 -15.55
N LEU B 266 8.27 18.01 -14.91
CA LEU B 266 7.28 19.08 -14.91
C LEU B 266 7.77 20.21 -14.02
N PRO B 267 7.29 21.44 -14.26
CA PRO B 267 7.68 22.57 -13.41
C PRO B 267 7.25 22.36 -11.96
N LEU B 268 8.13 22.72 -11.03
CA LEU B 268 7.84 22.61 -9.60
C LEU B 268 6.69 23.53 -9.19
N ALA B 269 6.62 24.70 -9.79
CA ALA B 269 5.57 25.65 -9.47
C ALA B 269 4.21 25.13 -9.89
N LEU B 270 3.20 25.38 -9.07
CA LEU B 270 1.82 25.13 -9.46
C LEU B 270 1.46 26.06 -10.60
N PRO B 271 0.57 25.62 -11.50
CA PRO B 271 0.05 26.52 -12.53
C PRO B 271 -0.51 27.78 -11.89
N PRO B 272 -0.33 28.94 -12.54
CA PRO B 272 -0.71 30.25 -11.99
C PRO B 272 -2.16 30.33 -11.55
N GLU B 273 -3.02 29.48 -12.13
CA GLU B 273 -4.45 29.52 -11.84
C GLU B 273 -4.92 28.33 -11.00
N ALA B 274 -3.98 27.53 -10.49
CA ALA B 274 -4.34 26.39 -9.65
C ALA B 274 -5.10 26.85 -8.40
N GLU B 275 -6.16 26.13 -8.07
CA GLU B 275 -7.00 26.48 -6.92
C GLU B 275 -6.22 26.46 -5.62
N ALA B 276 -5.28 25.54 -5.50
CA ALA B 276 -4.47 25.40 -4.28
C ALA B 276 -3.72 26.67 -3.93
N ARG B 277 -3.48 27.53 -4.91
CA ARG B 277 -2.77 28.79 -4.67
C ARG B 277 -3.58 29.74 -3.77
N GLN B 278 -4.89 29.55 -3.72
CA GLN B 278 -5.75 30.36 -2.86
C GLN B 278 -5.49 30.04 -1.40
N ASN B 279 -4.95 28.84 -1.15
CA ASN B 279 -4.66 28.39 0.21
C ASN B 279 -3.19 28.59 0.59
N GLY B 280 -2.48 29.41 -0.17
CA GLY B 280 -1.11 29.75 0.15
C GLY B 280 -0.04 28.84 -0.43
N LEU B 281 -0.47 27.76 -1.06
CA LEU B 281 0.48 26.81 -1.67
C LEU B 281 1.02 27.35 -2.98
N GLU B 282 2.30 27.12 -3.24
CA GLU B 282 2.95 27.69 -4.42
C GLU B 282 3.55 26.63 -5.35
N THR B 283 3.94 25.49 -4.78
CA THR B 283 4.56 24.41 -5.56
C THR B 283 3.86 23.09 -5.31
N PHE B 284 4.17 22.10 -6.15
CA PHE B 284 3.58 20.77 -6.01
C PHE B 284 3.98 20.09 -4.71
N THR B 285 5.13 20.47 -4.17
CA THR B 285 5.65 19.83 -2.96
C THR B 285 5.31 20.58 -1.67
N ASP B 286 4.76 21.79 -1.81
CA ASP B 286 4.35 22.57 -0.65
C ASP B 286 3.36 21.80 0.23
N GLY B 287 3.72 21.60 1.49
CA GLY B 287 2.84 20.95 2.44
C GLY B 287 2.77 19.43 2.29
N LEU B 288 3.47 18.89 1.31
CA LEU B 288 3.41 17.46 1.01
C LEU B 288 4.06 16.56 2.07
N PRO B 289 5.33 16.83 2.45
CA PRO B 289 5.90 15.95 3.49
C PRO B 289 5.19 16.08 4.84
N GLU B 290 4.64 17.26 5.13
CA GLU B 290 3.84 17.45 6.34
C GLU B 290 2.58 16.57 6.29
N TYR B 291 1.93 16.54 5.14
CA TYR B 291 0.79 15.66 4.92
C TYR B 291 1.17 14.20 5.15
N LEU B 292 2.29 13.77 4.57
CA LEU B 292 2.73 12.39 4.74
C LEU B 292 3.01 12.07 6.22
N SER B 293 3.55 13.04 6.94
CA SER B 293 3.81 12.86 8.37
C SER B 293 2.51 12.59 9.14
N ARG B 294 1.43 13.26 8.72
CA ARG B 294 0.14 13.10 9.38
C ARG B 294 -0.54 11.78 9.02
N CYS B 295 0.09 10.99 8.15
CA CYS B 295 -0.42 9.67 7.81
C CYS B 295 0.26 8.55 8.60
N GLN B 296 1.27 8.90 9.40
CA GLN B 296 1.86 7.87 10.26
C GLN B 296 0.86 7.55 11.38
N THR B 297 0.85 6.30 11.83
CA THR B 297 -0.06 5.90 12.89
C THR B 297 0.68 5.55 14.18
N TYR B 298 -0.09 5.34 15.24
CA TYR B 298 0.47 4.92 16.52
C TYR B 298 1.24 3.59 16.42
N GLU B 299 0.92 2.80 15.39
CA GLU B 299 1.61 1.52 15.18
C GLU B 299 3.03 1.72 14.65
N GLY B 300 3.25 2.85 13.98
CA GLY B 300 4.54 3.14 13.38
C GLY B 300 4.45 3.15 11.87
N GLY B 301 3.53 2.35 11.34
CA GLY B 301 3.33 2.29 9.91
C GLY B 301 2.60 3.50 9.38
N ILE B 302 2.25 3.47 8.10
CA ILE B 302 1.64 4.61 7.43
C ILE B 302 0.33 4.19 6.79
N SER B 303 -0.70 5.03 6.93
CA SER B 303 -2.03 4.72 6.41
C SER B 303 -2.32 5.45 5.10
N GLY B 304 -3.43 5.10 4.47
CA GLY B 304 -3.81 5.70 3.21
C GLY B 304 -4.20 7.16 3.32
N SER B 305 -4.83 7.49 4.44
CA SER B 305 -5.20 8.87 4.75
C SER B 305 -5.10 9.00 6.27
N PRO B 306 -5.00 10.25 6.78
CA PRO B 306 -4.83 10.45 8.23
C PRO B 306 -5.88 9.72 9.07
N GLY B 307 -5.41 8.93 10.04
CA GLY B 307 -6.31 8.25 10.95
C GLY B 307 -6.63 6.82 10.57
N SER B 308 -6.40 6.45 9.32
CA SER B 308 -6.67 5.09 8.87
C SER B 308 -5.62 4.11 9.39
N GLU B 309 -5.79 2.84 9.07
CA GLU B 309 -4.92 1.79 9.61
C GLU B 309 -3.60 1.70 8.84
N ALA B 310 -2.50 1.51 9.57
CA ALA B 310 -1.18 1.34 8.95
C ALA B 310 -1.19 0.19 7.94
N HIS B 311 -0.67 0.44 6.75
CA HIS B 311 -0.67 -0.58 5.71
C HIS B 311 0.57 -0.51 4.84
N GLY B 312 1.15 -1.68 4.55
CA GLY B 312 2.38 -1.77 3.78
C GLY B 312 2.36 -1.06 2.44
N ALA B 313 1.24 -1.14 1.71
CA ALA B 313 1.16 -0.50 0.40
C ALA B 313 1.29 1.01 0.53
N TYR B 314 0.67 1.57 1.56
CA TYR B 314 0.73 3.00 1.79
C TYR B 314 2.07 3.42 2.39
N ALA B 315 2.69 2.52 3.15
CA ALA B 315 4.03 2.80 3.66
C ALA B 315 5.01 2.99 2.50
N PHE B 316 4.92 2.12 1.49
CA PHE B 316 5.78 2.28 0.32
C PHE B 316 5.53 3.61 -0.38
N CYS B 317 4.26 3.94 -0.61
CA CYS B 317 3.90 5.18 -1.29
C CYS B 317 4.46 6.40 -0.57
N ALA B 318 4.30 6.44 0.74
CA ALA B 318 4.76 7.59 1.52
C ALA B 318 6.28 7.69 1.56
N LEU B 319 6.95 6.57 1.82
CA LEU B 319 8.41 6.56 1.88
C LEU B 319 9.06 6.90 0.55
N ALA B 320 8.52 6.32 -0.53
CA ALA B 320 9.04 6.59 -1.86
C ALA B 320 8.83 8.06 -2.22
N CYS B 321 7.67 8.59 -1.86
CA CYS B 321 7.36 9.99 -2.11
C CYS B 321 8.32 10.92 -1.36
N LEU B 322 8.62 10.60 -0.11
CA LEU B 322 9.56 11.40 0.66
C LEU B 322 10.95 11.40 0.01
N CYS B 323 11.35 10.25 -0.53
CA CYS B 323 12.66 10.13 -1.16
C CYS B 323 12.72 10.83 -2.52
N LEU B 324 11.58 11.28 -3.00
CA LEU B 324 11.52 12.15 -4.18
C LEU B 324 11.71 13.62 -3.78
N LEU B 325 11.64 13.90 -2.49
CA LEU B 325 11.71 15.27 -2.00
C LEU B 325 13.11 15.67 -1.54
N GLY B 326 13.95 14.68 -1.27
CA GLY B 326 15.31 14.93 -0.82
C GLY B 326 16.03 13.66 -0.48
N ARG B 327 17.20 13.79 0.15
CA ARG B 327 17.98 12.62 0.54
C ARG B 327 17.23 11.87 1.64
N PRO B 328 17.18 10.53 1.53
CA PRO B 328 16.45 9.69 2.48
C PRO B 328 16.88 9.94 3.93
N GLU B 329 18.17 10.12 4.17
CA GLU B 329 18.66 10.31 5.54
C GLU B 329 18.30 11.68 6.11
N VAL B 330 17.82 12.57 5.25
CA VAL B 330 17.36 13.88 5.69
C VAL B 330 15.84 13.89 5.87
N VAL B 331 15.14 13.49 4.82
CA VAL B 331 13.68 13.62 4.79
C VAL B 331 12.96 12.60 5.66
N VAL B 332 13.36 11.34 5.57
CA VAL B 332 12.65 10.28 6.30
C VAL B 332 12.67 10.46 7.84
N PRO B 333 13.84 10.71 8.44
CA PRO B 333 13.83 10.89 9.90
C PRO B 333 13.14 12.18 10.33
N ARG B 334 13.10 13.18 9.46
CA ARG B 334 12.48 14.45 9.80
C ARG B 334 10.96 14.34 9.89
N TYR B 335 10.37 13.59 8.98
CA TYR B 335 8.90 13.54 8.88
C TYR B 335 8.27 12.26 9.41
N MET B 336 9.07 11.23 9.61
CA MET B 336 8.59 9.97 10.17
C MET B 336 9.34 9.62 11.46
N ASN B 337 8.61 9.04 12.41
CA ASN B 337 9.25 8.49 13.60
C ASN B 337 9.80 7.10 13.25
N ILE B 338 11.10 7.03 12.98
CA ILE B 338 11.74 5.80 12.55
C ILE B 338 11.73 4.75 13.67
N ALA B 339 11.76 5.22 14.91
CA ALA B 339 11.74 4.35 16.08
C ALA B 339 10.48 3.46 16.15
N THR B 340 9.37 3.93 15.58
CA THR B 340 8.16 3.13 15.53
C THR B 340 7.96 2.48 14.15
N LEU B 341 8.40 3.18 13.11
CA LEU B 341 8.29 2.65 11.75
C LEU B 341 9.08 1.36 11.58
N LEU B 342 10.32 1.35 12.03
CA LEU B 342 11.20 0.17 11.87
C LEU B 342 10.63 -1.14 12.42
N PRO B 343 10.19 -1.16 13.70
CA PRO B 343 9.66 -2.45 14.18
C PRO B 343 8.37 -2.87 13.51
N TRP B 344 7.53 -1.91 13.12
CA TRP B 344 6.29 -2.24 12.42
C TRP B 344 6.59 -2.88 11.07
N LEU B 345 7.55 -2.31 10.35
CA LEU B 345 7.97 -2.86 9.07
C LEU B 345 8.53 -4.26 9.26
N SER B 346 9.36 -4.42 10.28
CA SER B 346 9.95 -5.72 10.60
C SER B 346 8.87 -6.77 10.89
N ALA B 347 7.84 -6.35 11.62
CA ALA B 347 6.76 -7.24 12.03
C ALA B 347 5.87 -7.70 10.88
N ARG B 348 6.09 -7.16 9.69
CA ARG B 348 5.28 -7.56 8.53
C ARG B 348 5.60 -8.98 8.08
N GLN B 349 6.80 -9.47 8.40
CA GLN B 349 7.25 -10.78 7.94
C GLN B 349 6.90 -11.89 8.92
N TYR B 350 6.33 -12.98 8.40
CA TYR B 350 5.91 -14.12 9.23
C TYR B 350 6.76 -15.36 8.95
N ALA B 351 6.84 -16.25 9.94
CA ALA B 351 7.37 -17.59 9.74
C ALA B 351 6.30 -18.56 10.21
N PRO B 352 6.17 -19.72 9.55
CA PRO B 352 7.06 -20.27 8.51
C PRO B 352 6.84 -19.75 7.10
N GLU B 353 5.79 -18.98 6.85
CA GLU B 353 5.49 -18.53 5.48
C GLU B 353 6.67 -17.85 4.80
N GLY B 354 7.28 -16.88 5.50
CA GLY B 354 8.45 -16.19 4.99
C GLY B 354 8.12 -14.88 4.29
N GLY B 355 6.86 -14.74 3.87
CA GLY B 355 6.44 -13.56 3.16
C GLY B 355 5.97 -12.43 4.06
N PHE B 356 5.45 -11.38 3.43
CA PHE B 356 5.00 -10.18 4.14
C PHE B 356 3.48 -10.08 4.13
N SER B 357 2.92 -9.65 5.25
CA SER B 357 1.51 -9.24 5.33
C SER B 357 1.45 -7.73 5.15
N GLY B 358 0.28 -7.21 4.84
CA GLY B 358 0.12 -5.78 4.63
C GLY B 358 -0.20 -5.00 5.89
N ARG B 359 -0.85 -5.65 6.84
CA ARG B 359 -1.20 -4.99 8.10
C ARG B 359 -1.29 -5.99 9.22
N THR B 360 -1.28 -5.48 10.45
CA THR B 360 -1.25 -6.31 11.64
C THR B 360 -2.41 -7.29 11.70
N ASN B 361 -2.08 -8.56 11.95
CA ASN B 361 -3.06 -9.64 12.12
C ASN B 361 -3.82 -10.03 10.85
N LYS B 362 -3.28 -9.67 9.70
CA LYS B 362 -3.81 -10.19 8.43
C LYS B 362 -2.80 -11.13 7.79
N LEU B 363 -3.04 -11.56 6.55
CA LEU B 363 -2.29 -12.67 5.97
C LEU B 363 -1.15 -12.25 5.03
N VAL B 364 -0.16 -13.12 4.89
CA VAL B 364 0.90 -12.90 3.91
C VAL B 364 0.32 -12.85 2.50
N ASP B 365 1.00 -12.15 1.61
CA ASP B 365 0.55 -11.98 0.23
C ASP B 365 1.78 -11.63 -0.60
N GLY B 366 1.98 -12.36 -1.69
CA GLY B 366 3.15 -12.19 -2.52
C GLY B 366 3.35 -10.80 -3.12
N CYS B 367 2.29 -10.03 -3.27
CA CYS B 367 2.46 -8.69 -3.85
C CYS B 367 3.15 -7.74 -2.88
N TYR B 368 3.09 -8.05 -1.59
CA TYR B 368 3.77 -7.24 -0.59
C TYR B 368 5.28 -7.48 -0.60
N SER B 369 5.71 -8.48 -1.38
CA SER B 369 7.13 -8.64 -1.64
C SER B 369 7.67 -7.35 -2.23
N HIS B 370 6.84 -6.64 -2.99
CA HIS B 370 7.18 -5.30 -3.43
C HIS B 370 6.82 -4.21 -2.42
N TRP B 371 5.54 -4.11 -2.05
CA TRP B 371 5.08 -2.99 -1.25
C TRP B 371 5.82 -2.86 0.07
N VAL B 372 6.00 -3.98 0.77
CA VAL B 372 6.78 -3.98 2.00
C VAL B 372 8.26 -4.16 1.67
N GLY B 373 8.56 -5.08 0.77
CA GLY B 373 9.93 -5.40 0.42
C GLY B 373 10.74 -4.20 -0.02
N ASN B 374 10.15 -3.36 -0.87
CA ASN B 374 10.87 -2.18 -1.34
C ASN B 374 10.85 -0.98 -0.39
N CYS B 375 10.16 -1.10 0.74
CA CYS B 375 10.34 -0.11 1.81
C CYS B 375 11.75 -0.22 2.39
N TRP B 376 12.30 -1.43 2.38
CA TRP B 376 13.57 -1.68 3.06
C TRP B 376 14.78 -0.93 2.50
N PRO B 377 14.99 -0.93 1.16
CA PRO B 377 16.10 -0.12 0.65
C PRO B 377 15.95 1.37 1.01
N LEU B 378 14.71 1.86 1.03
CA LEU B 378 14.45 3.25 1.37
C LEU B 378 14.79 3.53 2.84
N VAL B 379 14.31 2.68 3.73
CA VAL B 379 14.55 2.85 5.16
C VAL B 379 16.04 2.66 5.49
N GLN B 380 16.65 1.66 4.86
CA GLN B 380 18.07 1.38 5.10
C GLN B 380 18.96 2.52 4.58
N ALA B 381 18.55 3.16 3.50
CA ALA B 381 19.25 4.34 3.00
C ALA B 381 19.11 5.51 3.97
N ALA B 382 17.96 5.61 4.64
CA ALA B 382 17.74 6.67 5.61
C ALA B 382 18.65 6.49 6.82
N LEU B 383 18.96 5.24 7.13
CA LEU B 383 19.83 4.91 8.25
C LEU B 383 21.31 5.00 7.86
N ASP B 384 21.63 4.53 6.65
CA ASP B 384 23.00 4.50 6.17
C ASP B 384 23.52 5.87 5.71
N GLY B 385 22.65 6.61 5.04
CA GLY B 385 23.05 7.88 4.43
C GLY B 385 23.55 7.66 3.02
N THR B 386 23.82 8.75 2.31
CA THR B 386 24.24 8.67 0.91
C THR B 386 25.66 8.14 0.78
N GLN B 387 25.87 7.25 -0.19
CA GLN B 387 27.17 6.65 -0.42
C GLN B 387 28.03 7.49 -1.37
N PRO B 388 29.23 7.88 -0.93
CA PRO B 388 30.15 8.59 -1.82
C PRO B 388 30.83 7.64 -2.79
N LEU B 389 30.96 8.06 -4.05
CA LEU B 389 31.62 7.22 -5.06
C LEU B 389 33.13 7.26 -4.89
N ALA B 390 33.61 8.16 -4.04
CA ALA B 390 35.05 8.29 -3.79
C ALA B 390 35.51 7.32 -2.70
N ARG B 394 31.11 3.38 2.87
CA ARG B 394 30.88 3.46 4.29
C ARG B 394 30.08 2.26 4.79
N SER B 395 30.05 2.07 6.11
CA SER B 395 29.37 0.93 6.71
C SER B 395 27.87 1.00 6.51
N SER B 396 27.23 -0.16 6.44
CA SER B 396 25.79 -0.24 6.22
C SER B 396 25.11 -1.01 7.34
N VAL B 397 23.83 -0.71 7.57
CA VAL B 397 23.06 -1.46 8.56
C VAL B 397 22.71 -2.84 8.02
N GLY B 398 22.89 -3.02 6.72
CA GLY B 398 22.57 -4.29 6.09
C GLY B 398 21.06 -4.45 5.90
N ASN B 399 20.64 -5.67 5.61
CA ASN B 399 19.21 -5.95 5.47
C ASN B 399 18.60 -6.26 6.82
N LEU B 400 17.51 -5.60 7.15
CA LEU B 400 16.91 -5.75 8.47
C LEU B 400 15.71 -6.71 8.46
N TYR B 401 15.53 -7.39 7.34
CA TYR B 401 14.51 -8.42 7.20
C TYR B 401 15.16 -9.71 6.73
N SER B 402 14.38 -10.77 6.56
CA SER B 402 14.90 -12.05 6.11
C SER B 402 14.74 -12.24 4.61
N ARG B 403 15.84 -12.10 3.88
CA ARG B 403 15.82 -12.33 2.43
C ARG B 403 15.50 -13.79 2.15
N GLU B 404 16.01 -14.68 2.99
CA GLU B 404 15.73 -16.12 2.86
C GLU B 404 14.23 -16.39 2.93
N GLY B 405 13.59 -15.86 3.95
CA GLY B 405 12.16 -16.06 4.15
C GLY B 405 11.35 -15.60 2.95
N LEU B 406 11.63 -14.39 2.47
CA LEU B 406 10.88 -13.84 1.34
C LEU B 406 11.09 -14.68 0.10
N THR B 407 12.34 -15.09 -0.14
CA THR B 407 12.66 -15.87 -1.34
C THR B 407 11.97 -17.22 -1.30
N ARG B 408 11.95 -17.85 -0.13
CA ARG B 408 11.26 -19.11 0.04
C ARG B 408 9.77 -18.96 -0.24
N TYR B 409 9.17 -17.89 0.28
CA TYR B 409 7.74 -17.70 0.06
C TYR B 409 7.42 -17.52 -1.42
N ILE B 410 8.17 -16.66 -2.10
CA ILE B 410 7.94 -16.41 -3.51
C ILE B 410 8.14 -17.66 -4.36
N LEU B 411 9.30 -18.30 -4.22
CA LEU B 411 9.65 -19.41 -5.09
C LEU B 411 8.95 -20.74 -4.73
N SER B 412 8.81 -21.02 -3.43
CA SER B 412 8.17 -22.26 -3.01
C SER B 412 6.64 -22.20 -3.01
N CYS B 413 6.07 -21.03 -2.69
CA CYS B 413 4.63 -20.93 -2.47
C CYS B 413 3.83 -20.14 -3.50
N CYS B 414 4.47 -19.20 -4.18
CA CYS B 414 3.73 -18.29 -5.05
C CYS B 414 3.79 -18.60 -6.54
N GLN B 415 4.45 -19.70 -6.90
CA GLN B 415 4.52 -20.06 -8.32
C GLN B 415 3.42 -21.03 -8.72
N CYS B 416 2.67 -20.66 -9.75
CA CYS B 416 1.65 -21.53 -10.31
CA CYS B 416 1.65 -21.54 -10.29
C CYS B 416 2.27 -22.44 -11.37
N LYS B 417 1.97 -23.74 -11.29
CA LYS B 417 2.58 -24.72 -12.17
C LYS B 417 2.35 -24.46 -13.65
N LEU B 418 1.26 -23.74 -13.97
CA LEU B 418 0.94 -23.43 -15.35
C LEU B 418 1.51 -22.08 -15.79
N GLY B 419 2.19 -21.40 -14.88
CA GLY B 419 2.76 -20.10 -15.18
C GLY B 419 2.03 -18.98 -14.45
N GLY B 420 2.75 -17.90 -14.16
CA GLY B 420 2.23 -16.79 -13.40
C GLY B 420 2.48 -16.99 -11.92
N LEU B 421 2.48 -15.89 -11.16
CA LEU B 421 2.61 -15.98 -9.71
C LEU B 421 1.33 -15.52 -9.02
N ARG B 422 1.18 -15.91 -7.76
CA ARG B 422 -0.08 -15.70 -7.05
C ARG B 422 0.11 -15.02 -5.69
N ASP B 423 -1.00 -14.51 -5.18
CA ASP B 423 -1.12 -13.97 -3.82
C ASP B 423 -0.58 -14.99 -2.81
N LYS B 424 -1.20 -16.17 -2.79
CA LYS B 424 -0.87 -17.20 -1.83
C LYS B 424 -1.40 -18.52 -2.39
N PRO B 425 -0.94 -19.65 -1.82
CA PRO B 425 -1.47 -20.96 -2.23
C PRO B 425 -3.00 -20.99 -2.14
N GLY B 426 -3.64 -21.55 -3.17
CA GLY B 426 -5.10 -21.59 -3.21
C GLY B 426 -5.70 -20.49 -4.05
N LYS B 427 -4.88 -19.51 -4.44
CA LYS B 427 -5.34 -18.43 -5.30
C LYS B 427 -4.87 -18.66 -6.74
N HIS B 428 -5.71 -18.26 -7.70
CA HIS B 428 -5.32 -18.27 -9.10
C HIS B 428 -4.26 -17.19 -9.32
N PRO B 429 -3.36 -17.40 -10.29
CA PRO B 429 -2.39 -16.34 -10.59
C PRO B 429 -3.05 -15.16 -11.29
N ASP B 430 -2.38 -14.01 -11.27
CA ASP B 430 -2.79 -12.88 -12.08
C ASP B 430 -1.56 -12.04 -12.39
N SER B 431 -1.67 -11.14 -13.36
CA SER B 431 -0.50 -10.39 -13.81
C SER B 431 -0.03 -9.35 -12.78
N TYR B 432 -0.96 -8.88 -11.94
CA TYR B 432 -0.61 -7.97 -10.84
C TYR B 432 0.30 -8.68 -9.85
N HIS B 433 -0.11 -9.86 -9.40
CA HIS B 433 0.69 -10.61 -8.45
C HIS B 433 1.97 -11.17 -9.07
N THR B 434 1.94 -11.41 -10.37
CA THR B 434 3.13 -11.86 -11.06
C THR B 434 4.15 -10.73 -11.09
N CYS B 435 3.71 -9.53 -11.46
CA CYS B 435 4.59 -8.37 -11.51
C CYS B 435 5.26 -8.08 -10.16
N TYR B 436 4.46 -8.03 -9.10
CA TYR B 436 5.02 -7.58 -7.82
C TYR B 436 5.77 -8.65 -7.04
N ALA B 437 5.44 -9.92 -7.23
CA ALA B 437 6.24 -10.99 -6.64
C ALA B 437 7.63 -11.00 -7.29
N LEU B 438 7.69 -10.80 -8.60
CA LEU B 438 8.97 -10.75 -9.30
C LEU B 438 9.77 -9.50 -8.89
N THR B 439 9.07 -8.39 -8.70
CA THR B 439 9.73 -7.17 -8.26
C THR B 439 10.37 -7.38 -6.90
N GLY B 440 9.64 -8.04 -6.01
CA GLY B 440 10.16 -8.36 -4.69
C GLY B 440 11.34 -9.30 -4.75
N LEU B 441 11.25 -10.30 -5.63
CA LEU B 441 12.34 -11.24 -5.81
C LEU B 441 13.60 -10.52 -6.31
N SER B 442 13.43 -9.56 -7.19
CA SER B 442 14.58 -8.80 -7.68
C SER B 442 15.25 -7.99 -6.58
N THR B 443 14.44 -7.40 -5.71
CA THR B 443 14.96 -6.58 -4.60
C THR B 443 15.93 -7.34 -3.71
N VAL B 444 15.63 -8.60 -3.41
CA VAL B 444 16.52 -9.37 -2.53
C VAL B 444 17.84 -9.71 -3.21
N GLN B 445 17.90 -9.56 -4.53
CA GLN B 445 19.08 -9.94 -5.30
C GLN B 445 20.06 -8.79 -5.51
N TYR B 446 19.74 -7.61 -4.98
CA TYR B 446 20.60 -6.44 -5.18
C TYR B 446 20.81 -5.58 -3.94
N TYR B 447 21.97 -4.96 -3.87
N TYR B 447 21.96 -4.94 -3.86
CA TYR B 447 22.21 -3.84 -2.96
CA TYR B 447 22.15 -3.87 -2.89
C TYR B 447 21.70 -2.60 -3.65
C TYR B 447 21.76 -2.56 -3.56
N HIS B 448 20.66 -1.98 -3.10
CA HIS B 448 20.17 -0.72 -3.64
C HIS B 448 20.56 0.41 -2.70
N TYR B 449 21.19 1.45 -3.22
CA TYR B 449 21.66 2.56 -2.39
C TYR B 449 21.68 3.87 -3.18
N CYS B 450 21.61 4.99 -2.47
CA CYS B 450 21.69 6.29 -3.13
C CYS B 450 23.09 6.87 -2.99
N THR B 451 23.46 7.74 -3.92
CA THR B 451 24.82 8.27 -3.98
C THR B 451 24.85 9.78 -4.12
N ASP B 452 26.05 10.33 -4.27
CA ASP B 452 26.23 11.76 -4.45
C ASP B 452 26.37 12.14 -5.93
N SER B 453 26.11 11.17 -6.81
CA SER B 453 26.16 11.44 -8.25
C SER B 453 24.82 11.12 -8.91
N SER B 454 24.21 12.13 -9.51
CA SER B 454 22.88 11.99 -10.08
C SER B 454 22.92 12.16 -11.60
N VAL B 455 22.04 11.45 -12.30
CA VAL B 455 21.93 11.59 -13.75
C VAL B 455 21.16 12.86 -14.10
N SER B 456 20.47 13.42 -13.11
CA SER B 456 19.74 14.67 -13.29
C SER B 456 20.71 15.85 -13.29
N SER B 457 20.45 16.83 -14.14
CA SER B 457 21.31 18.00 -14.23
C SER B 457 20.89 19.10 -13.24
N LYS B 458 20.03 18.72 -12.29
CA LYS B 458 19.52 19.66 -11.30
C LYS B 458 18.94 18.93 -10.09
N PHE B 461 14.63 16.73 -7.49
CA PHE B 461 14.57 15.28 -7.45
C PHE B 461 15.96 14.66 -7.63
N SER B 462 16.99 15.43 -7.29
CA SER B 462 18.36 15.01 -7.52
C SER B 462 18.71 13.66 -6.88
N SER B 463 18.35 13.49 -5.61
CA SER B 463 18.64 12.25 -4.90
C SER B 463 17.93 11.05 -5.53
N ALA B 464 16.70 11.27 -5.98
CA ALA B 464 15.90 10.19 -6.58
C ALA B 464 16.57 9.58 -7.81
N PHE B 465 17.39 10.38 -8.49
CA PHE B 465 18.11 9.89 -9.66
C PHE B 465 19.58 9.61 -9.37
N SER B 466 19.89 9.37 -8.09
CA SER B 466 21.25 9.06 -7.67
C SER B 466 21.35 7.60 -7.21
N TRP B 467 20.24 6.88 -7.30
CA TRP B 467 20.20 5.49 -6.84
C TRP B 467 20.99 4.57 -7.76
N LYS B 468 21.82 3.73 -7.16
CA LYS B 468 22.62 2.78 -7.92
C LYS B 468 22.48 1.39 -7.32
N HIS B 469 23.04 0.39 -7.97
CA HIS B 469 22.84 -0.98 -7.54
C HIS B 469 24.09 -1.83 -7.75
N ASP B 470 24.27 -2.80 -6.86
CA ASP B 470 25.30 -3.81 -7.02
C ASP B 470 24.65 -5.15 -6.73
N PRO B 471 25.12 -6.21 -7.39
CA PRO B 471 24.45 -7.51 -7.17
C PRO B 471 24.73 -8.05 -5.78
N ASN B 472 23.70 -8.61 -5.14
CA ASN B 472 23.90 -9.39 -3.94
C ASN B 472 23.87 -10.86 -4.34
N PHE B 473 25.06 -11.45 -4.46
CA PHE B 473 25.18 -12.77 -5.07
C PHE B 473 24.60 -13.89 -4.22
N ALA B 474 24.16 -14.95 -4.90
CA ALA B 474 23.64 -16.15 -4.23
C ALA B 474 24.66 -16.69 -3.22
N SER B 475 24.14 -17.15 -2.08
CA SER B 475 24.97 -17.51 -0.95
C SER B 475 25.28 -19.00 -0.89
N ASP B 476 26.18 -19.37 0.00
CA ASP B 476 26.43 -20.76 0.34
C ASP B 476 26.40 -20.90 1.86
N GLY B 477 25.90 -22.01 2.35
CA GLY B 477 25.85 -22.26 3.79
C GLY B 477 24.72 -21.51 4.49
N GLN B 478 24.72 -21.56 5.82
CA GLN B 478 23.69 -20.92 6.62
C GLN B 478 24.10 -19.50 7.02
N GLY B 479 23.15 -18.73 7.50
CA GLY B 479 23.41 -17.35 7.88
C GLY B 479 22.11 -16.56 8.02
N SER B 480 22.19 -15.40 8.67
CA SER B 480 21.00 -14.60 8.94
C SER B 480 20.59 -13.75 7.74
N ASP B 481 21.55 -13.43 6.87
CA ASP B 481 21.28 -12.59 5.71
C ASP B 481 21.88 -13.22 4.46
N ILE B 482 21.17 -14.19 3.89
CA ILE B 482 21.68 -14.97 2.76
C ILE B 482 20.77 -14.95 1.54
N GLY B 483 21.35 -15.18 0.37
CA GLY B 483 20.60 -15.30 -0.86
C GLY B 483 20.40 -16.75 -1.20
N VAL B 484 19.16 -17.23 -1.06
CA VAL B 484 18.87 -18.65 -1.25
C VAL B 484 18.27 -18.94 -2.63
N PHE B 485 18.13 -17.89 -3.44
CA PHE B 485 17.86 -18.06 -4.87
C PHE B 485 19.13 -18.57 -5.53
N THR B 486 19.01 -19.09 -6.75
CA THR B 486 20.20 -19.41 -7.52
C THR B 486 20.47 -18.27 -8.48
N GLU B 487 21.68 -18.22 -9.03
CA GLU B 487 22.00 -17.19 -9.99
C GLU B 487 21.21 -17.36 -11.28
N ASN B 488 20.75 -18.58 -11.55
CA ASN B 488 19.83 -18.83 -12.66
C ASN B 488 18.50 -18.10 -12.46
N ASP B 489 18.20 -17.75 -11.21
CA ASP B 489 16.96 -17.04 -10.87
C ASP B 489 17.10 -15.51 -10.89
N ARG B 490 18.26 -15.01 -11.31
CA ARG B 490 18.53 -13.58 -11.22
C ARG B 490 17.69 -12.74 -12.19
N LEU B 491 17.09 -11.69 -11.64
CA LEU B 491 16.24 -10.78 -12.40
C LEU B 491 16.95 -9.45 -12.62
N VAL B 492 16.44 -8.65 -13.55
CA VAL B 492 16.94 -7.30 -13.79
C VAL B 492 16.62 -6.41 -12.58
N PRO B 493 17.57 -5.55 -12.17
CA PRO B 493 17.29 -4.67 -11.03
C PRO B 493 16.29 -3.58 -11.35
N PHE B 494 15.42 -3.26 -10.40
CA PHE B 494 14.46 -2.17 -10.54
C PHE B 494 14.81 -1.01 -9.61
N HIS B 495 14.52 0.20 -10.06
CA HIS B 495 14.65 1.41 -9.23
C HIS B 495 13.66 1.34 -8.08
N PRO B 496 14.15 1.48 -6.84
CA PRO B 496 13.35 1.37 -5.62
C PRO B 496 12.18 2.35 -5.56
N ILE B 497 12.32 3.51 -6.18
CA ILE B 497 11.26 4.52 -6.17
C ILE B 497 10.33 4.40 -7.38
N PHE B 498 10.92 4.25 -8.57
CA PHE B 498 10.15 4.31 -9.81
C PHE B 498 9.60 2.97 -10.28
N VAL B 499 10.10 1.88 -9.71
CA VAL B 499 9.62 0.53 -10.02
C VAL B 499 9.68 0.23 -11.52
N ILE B 500 10.78 0.64 -12.14
CA ILE B 500 11.14 0.30 -13.52
C ILE B 500 12.66 0.20 -13.52
N PRO B 501 13.28 -0.33 -14.59
CA PRO B 501 14.75 -0.37 -14.59
C PRO B 501 15.37 1.02 -14.45
N HIS B 502 16.52 1.10 -13.79
CA HIS B 502 17.21 2.38 -13.57
C HIS B 502 17.43 3.15 -14.87
N LYS B 503 17.87 2.43 -15.91
CA LYS B 503 18.16 3.05 -17.21
C LYS B 503 16.90 3.63 -17.86
N SER B 504 15.78 2.96 -17.67
CA SER B 504 14.51 3.45 -18.20
C SER B 504 14.11 4.76 -17.50
N ALA B 505 14.26 4.81 -16.19
CA ALA B 505 13.92 6.01 -15.43
C ALA B 505 14.88 7.14 -15.80
N GLU B 506 16.15 6.80 -15.94
CA GLU B 506 17.18 7.77 -16.31
C GLU B 506 16.90 8.37 -17.68
N ASP B 507 16.64 7.50 -18.66
CA ASP B 507 16.46 7.94 -20.04
C ASP B 507 15.27 8.88 -20.22
N ILE B 508 14.14 8.55 -19.62
CA ILE B 508 12.96 9.39 -19.76
C ILE B 508 13.15 10.76 -19.08
N ARG B 509 13.70 10.76 -17.87
CA ARG B 509 13.98 12.00 -17.14
C ARG B 509 14.94 12.89 -17.91
N VAL B 510 16.04 12.32 -18.39
CA VAL B 510 17.04 13.10 -19.11
C VAL B 510 16.47 13.68 -20.40
N TRP B 511 15.68 12.89 -21.11
CA TRP B 511 15.09 13.35 -22.36
C TRP B 511 14.19 14.56 -22.11
N PHE B 512 13.31 14.46 -21.12
CA PHE B 512 12.40 15.56 -20.80
C PHE B 512 13.12 16.79 -20.25
N GLU B 513 14.20 16.58 -19.50
CA GLU B 513 15.02 17.68 -18.99
C GLU B 513 15.59 18.54 -20.12
N ASN B 514 15.85 17.91 -21.26
CA ASN B 514 16.43 18.61 -22.39
C ASN B 514 15.40 19.12 -23.39
N GLN B 515 14.12 18.97 -23.04
CA GLN B 515 13.04 19.53 -23.86
C GLN B 515 12.50 20.78 -23.19
N SER B 516 12.40 21.87 -23.95
CA SER B 516 11.81 23.09 -23.43
C SER B 516 10.34 22.84 -23.13
N PHE B 517 9.84 23.42 -22.04
CA PHE B 517 8.44 23.27 -21.68
C PHE B 517 7.61 24.02 -22.72
N ASP B 518 6.57 23.40 -23.19
CA ASP B 518 5.86 23.98 -24.29
C ASP B 518 5.06 25.25 -23.91
N LEU B 519 4.81 26.08 -24.91
CA LEU B 519 4.14 27.35 -24.70
C LEU B 519 2.63 27.19 -24.87
C1 EDO C . -10.58 -4.28 1.74
O1 EDO C . -10.15 -4.61 3.01
C2 EDO C . -11.63 -5.14 1.14
O2 EDO C . -11.91 -6.35 1.76
C1 EDO D . -16.04 0.80 -23.64
O1 EDO D . -16.58 1.84 -24.39
C2 EDO D . -14.89 1.11 -22.76
O2 EDO D . -15.13 1.89 -21.64
C1 EDO E . -16.34 5.00 -21.32
O1 EDO E . -16.33 3.84 -20.58
C2 EDO E . -17.14 6.14 -20.78
O2 EDO E . -16.66 6.74 -19.63
C1 FPP F . -6.57 -3.50 1.55
O1 FPP F . -7.06 -4.59 0.81
C2 FPP F . -5.40 -2.89 1.12
C3 FPP F . -5.32 -1.42 0.81
C4 FPP F . -6.62 -0.73 1.17
C5 FPP F . -4.95 -1.17 -0.66
C6 FPP F . -3.52 -0.80 -0.99
C7 FPP F . -3.21 -0.26 -2.26
C8 FPP F . -2.52 -1.10 -3.31
C10 FPP F . -2.21 -2.49 -2.83
C9 FPP F . -1.25 -0.43 -3.79
C11 FPP F . -1.32 1.04 -4.18
C12 FPP F . -0.17 1.71 -4.55
C13 FPP F . -0.16 2.58 -5.80
C14 FPP F . -1.28 2.27 -6.77
C15 FPP F . 1.18 2.73 -6.43
PA FPP F . -7.20 -6.03 1.40
O1A FPP F . -7.99 -6.04 2.69
O2A FPP F . -7.92 -6.87 0.37
O3A FPP F . -5.76 -6.64 1.59
PB FPP F . -5.05 -6.98 2.95
O1B FPP F . -4.93 -5.73 3.79
O2B FPP F . -3.68 -7.50 2.61
O3B FPP F . -5.83 -8.04 3.68
ZN ZN G . -1.84 -9.21 -3.27
OAG ED5 H . -7.75 -11.67 -11.01
CBE ED5 H . -7.88 -10.52 -11.38
OBD ED5 H . -8.77 -10.23 -12.44
CBP ED5 H . -10.19 -10.48 -12.37
CAC ED5 H . -10.89 -9.48 -13.20
CAD ED5 H . -10.53 -11.84 -12.87
CAE ED5 H . -10.68 -10.35 -10.91
NBL ED5 H . -7.42 -9.43 -10.48
CAX ED5 H . -6.84 -9.71 -9.17
CAV ED5 H . -5.54 -8.99 -8.94
CAW ED5 H . -7.50 -8.02 -10.83
CAU ED5 H . -6.21 -7.27 -10.58
CBK ED5 H . -5.62 -7.55 -9.24
CBB ED5 H . -6.43 -6.82 -8.14
NBN ED5 H . -6.62 -5.31 -8.32
SBQ ED5 H . -8.10 -4.81 -7.71
OAI ED5 H . -8.03 -3.43 -7.26
OAH ED5 H . -8.47 -5.64 -6.59
CBJ ED5 H . -9.34 -4.99 -8.97
CAN ED5 H . -10.38 -5.89 -8.76
CAL ED5 H . -11.39 -6.09 -9.74
CAK ED5 H . -11.34 -5.38 -10.94
CAM ED5 H . -10.29 -4.48 -11.17
CBF ED5 H . -9.28 -4.29 -10.19
CAA ED5 H . -8.18 -3.32 -10.48
CAZ ED5 H . -5.43 -4.50 -7.83
CAY ED5 H . -4.81 -4.82 -6.44
NBM ED5 H . -5.62 -4.56 -5.24
CBH ED5 H . -5.97 -3.15 -4.87
CAQ ED5 H . -6.99 -2.90 -3.95
CAO ED5 H . -7.32 -1.57 -3.61
CAR ED5 H . -5.27 -2.07 -5.46
CAP ED5 H . -5.59 -0.76 -5.12
CBG ED5 H . -6.61 -0.51 -4.20
CAJ ED5 H . -6.95 0.90 -3.86
NAF ED5 H . -7.27 2.14 -3.58
CBA ED5 H . -6.08 -5.68 -4.39
CBI ED5 H . -4.99 -6.44 -3.66
CAS ED5 H . -4.35 -7.60 -4.09
NBC ED5 H . -3.45 -7.94 -3.16
CAT ED5 H . -3.50 -7.03 -2.19
NBO ED5 H . -4.43 -6.11 -2.50
CAB ED5 H . -4.79 -4.95 -1.69
C1 EDO I . -5.06 -9.30 -14.03
O1 EDO I . -3.93 -8.87 -13.38
C2 EDO I . -4.89 -10.25 -15.17
O2 EDO I . -4.08 -11.35 -14.94
C1 EDO J . -7.14 3.87 -12.97
O1 EDO J . -6.63 3.24 -14.10
C2 EDO J . -7.60 2.99 -11.85
O2 EDO J . -6.63 2.33 -11.13
#